data_7DID
#
_entry.id   7DID
#
_cell.length_a   69.286
_cell.length_b   80.784
_cell.length_c   175.735
_cell.angle_alpha   90.000
_cell.angle_beta   90.000
_cell.angle_gamma   90.000
#
_symmetry.space_group_name_H-M   'P 21 21 21'
#
loop_
_entity.id
_entity.type
_entity.pdbx_description
1 polymer 'Ribonuclease R'
2 polymer "RNA (5'-R(*AP*AP*AP*A)-3')"
3 non-polymer 'MAGNESIUM ION'
4 water water
#
loop_
_entity_poly.entity_id
_entity_poly.type
_entity_poly.pdbx_seq_one_letter_code
_entity_poly.pdbx_strand_id
1 'polypeptide(L)'
;MGHHHHHHHHHHSSGHIDDDDKMKVLTELQKQIFTIVKKENGKPIPPGIVVRMMENSPNFPGKHLIYRAIDDLLDWAILR
KAGGVTNQLLVNYEPAEPLLDKKLQGILTLGNKNSGFIRSLDDDKTVYYVHYSNLTGALDGDLVEFCKLDKPQFGDKFDA
AVITILKRARILYAGNFLVDQNEFALEYKIVADNPRFYLTMIVNPDSIPNNLASNTKIAFQIDEYDPDNNLCKVSVQQVL
GNNDDPLINIKAIMLDNSIVFETNDVVEQHANKLSFDTEEQHKAYRQDLTDLAFVTVDPTTSKDLADAIYVKTIPTGFVL
YVAIADVAHYVNRNSEIDIEAKHKTSSIYLPGHYVVPMLPEQLSNQLCSLNPAQKRYVVVCEISFDNQGRIKTNKLYPAT
IISKNRFSYDQVNKWLNNKSELNCDETVINSLKAAFTLSDLIQAQRQKRGTIDLSHKETEIVVDEHYFPIKINFLVHDKA
ETMIENLMVVANETVAWVLTNNKIALPYRVHPRPSKKKLQSLIETVGELNITKPQFNLDTVTSSQIASWLNENKDNPSYE
IFVILLLRTLGKAFYSVNPLMHFSIGSNHYTHFTSPIRRYIDLTIHRLLWMHLFTPDQFTDNERDQLKQELEKIADTVND
TEIKIINCERNANDYLTTLLLSKQIGKTFSGFISAITSFGIFMRMDENNFDGLIKITTIPDDFFIFEKEKMVLKGRKTNK
VYKIGDRLEAKLSEIDFIQKRAILTLI
;
A
2 'polyribonucleotide' AA(A2M)A C
#
# COMPACT_ATOMS: atom_id res chain seq x y z
N LEU A 104 14.09 -28.10 0.88
CA LEU A 104 15.46 -27.90 1.34
C LEU A 104 15.82 -26.40 1.43
N GLN A 105 15.05 -25.54 0.77
CA GLN A 105 15.39 -24.12 0.74
C GLN A 105 14.12 -23.27 0.78
N GLY A 106 14.08 -22.24 1.63
CA GLY A 106 12.88 -21.41 1.70
C GLY A 106 13.03 -20.19 2.58
N ILE A 107 11.94 -19.41 2.64
CA ILE A 107 11.88 -18.14 3.36
C ILE A 107 11.15 -18.33 4.68
N LEU A 108 11.76 -17.86 5.76
CA LEU A 108 11.16 -17.96 7.09
C LEU A 108 10.24 -16.79 7.34
N THR A 109 9.06 -17.07 7.88
CA THR A 109 8.17 -16.07 8.42
C THR A 109 7.94 -16.35 9.89
N LEU A 110 8.17 -15.36 10.75
CA LEU A 110 7.91 -15.52 12.18
C LEU A 110 6.57 -14.91 12.51
N GLY A 111 5.82 -15.58 13.37
CA GLY A 111 4.53 -15.07 13.80
C GLY A 111 4.44 -15.03 15.31
N ASN A 112 3.26 -15.43 15.78
CA ASN A 112 2.92 -15.40 17.19
C ASN A 112 3.92 -16.22 18.01
N LYS A 113 4.41 -15.65 19.12
CA LYS A 113 5.37 -16.29 20.05
C LYS A 113 6.70 -16.61 19.36
N ASN A 114 6.96 -15.97 18.22
CA ASN A 114 8.19 -16.18 17.47
C ASN A 114 8.41 -17.64 17.13
N SER A 115 7.33 -18.40 17.02
CA SER A 115 7.41 -19.54 16.14
C SER A 115 6.92 -19.11 14.75
N GLY A 116 7.08 -19.98 13.77
CA GLY A 116 6.59 -19.61 12.45
C GLY A 116 6.55 -20.72 11.44
N PHE A 117 6.82 -20.37 10.19
CA PHE A 117 6.80 -21.37 9.13
C PHE A 117 7.80 -20.98 8.06
N ILE A 118 8.14 -21.96 7.21
CA ILE A 118 9.03 -21.75 6.08
C ILE A 118 8.25 -22.09 4.81
N ARG A 119 8.27 -21.16 3.86
CA ARG A 119 7.70 -21.36 2.54
C ARG A 119 8.85 -21.74 1.61
N SER A 120 8.81 -22.97 1.11
CA SER A 120 9.86 -23.51 0.25
C SER A 120 9.94 -22.77 -1.08
N LEU A 121 11.12 -22.83 -1.70
CA LEU A 121 11.33 -22.28 -3.03
C LEU A 121 10.99 -23.26 -4.15
N ASP A 122 10.75 -24.54 -3.84
CA ASP A 122 10.32 -25.52 -4.83
C ASP A 122 9.05 -25.05 -5.53
N ASP A 123 8.64 -25.75 -6.59
CA ASP A 123 7.56 -25.24 -7.41
C ASP A 123 6.20 -25.22 -6.69
N ASP A 124 6.02 -26.05 -5.67
CA ASP A 124 4.75 -26.08 -4.95
C ASP A 124 4.63 -25.02 -3.84
N LYS A 125 5.68 -24.25 -3.56
CA LYS A 125 5.69 -23.35 -2.39
C LYS A 125 5.27 -24.10 -1.11
N THR A 126 5.73 -25.34 -0.96
CA THR A 126 5.38 -26.15 0.20
C THR A 126 5.70 -25.42 1.50
N VAL A 127 4.79 -25.50 2.46
CA VAL A 127 4.92 -24.79 3.72
C VAL A 127 5.26 -25.79 4.82
N TYR A 128 6.28 -25.48 5.62
CA TYR A 128 6.64 -26.28 6.78
C TYR A 128 6.55 -25.43 8.05
N TYR A 129 6.08 -26.02 9.14
CA TYR A 129 6.10 -25.31 10.41
C TYR A 129 7.47 -25.40 11.06
N VAL A 130 7.86 -24.34 11.77
CA VAL A 130 9.10 -24.37 12.53
C VAL A 130 8.85 -23.76 13.91
N HIS A 131 9.17 -24.53 14.94
CA HIS A 131 9.08 -23.99 16.28
C HIS A 131 10.31 -23.11 16.59
N TYR A 132 10.14 -22.16 17.51
CA TYR A 132 11.20 -21.28 18.00
C TYR A 132 12.51 -22.02 18.25
N SER A 133 12.44 -23.20 18.87
CA SER A 133 13.65 -23.92 19.26
C SER A 133 14.38 -24.53 18.07
N ASN A 134 13.79 -24.56 16.88
CA ASN A 134 14.43 -25.08 15.69
C ASN A 134 14.81 -23.99 14.69
N LEU A 135 14.89 -22.75 15.14
CA LEU A 135 15.19 -21.64 14.23
C LEU A 135 16.68 -21.49 13.94
N THR A 136 17.56 -21.90 14.88
CA THR A 136 19.00 -21.98 14.62
C THR A 136 19.54 -20.60 14.21
N GLY A 137 19.09 -19.56 14.91
CA GLY A 137 19.55 -18.21 14.67
C GLY A 137 18.84 -17.43 13.56
N ALA A 138 17.91 -18.04 12.83
CA ALA A 138 17.30 -17.37 11.66
C ALA A 138 16.25 -16.35 12.10
N LEU A 139 16.15 -15.26 11.34
CA LEU A 139 15.26 -14.16 11.65
C LEU A 139 14.19 -14.02 10.58
N ASP A 140 13.16 -13.23 10.90
CA ASP A 140 12.00 -13.08 10.02
C ASP A 140 12.42 -12.67 8.62
N GLY A 141 12.01 -13.45 7.63
CA GLY A 141 12.31 -13.18 6.24
C GLY A 141 13.63 -13.72 5.73
N ASP A 142 14.44 -14.34 6.58
CA ASP A 142 15.70 -14.89 6.11
C ASP A 142 15.44 -16.02 5.12
N LEU A 143 16.35 -16.16 4.17
CA LEU A 143 16.36 -17.33 3.31
C LEU A 143 17.20 -18.39 4.02
N VAL A 144 16.62 -19.58 4.22
CA VAL A 144 17.25 -20.61 5.03
C VAL A 144 17.32 -21.92 4.27
N GLU A 145 18.30 -22.73 4.64
CA GLU A 145 18.30 -24.15 4.31
C GLU A 145 17.69 -24.89 5.48
N PHE A 146 16.77 -25.80 5.20
CA PHE A 146 16.06 -26.51 6.25
C PHE A 146 15.94 -27.98 5.89
N CYS A 147 15.58 -28.78 6.88
CA CYS A 147 15.27 -30.19 6.71
C CYS A 147 13.93 -30.50 7.38
N LYS A 148 13.21 -31.44 6.80
CA LYS A 148 11.99 -31.94 7.42
C LYS A 148 12.34 -32.72 8.69
N LEU A 149 11.54 -32.52 9.73
CA LEU A 149 11.80 -33.22 10.99
C LEU A 149 11.37 -34.67 10.87
N ASP A 150 12.20 -35.57 11.39
CA ASP A 150 11.94 -37.01 11.33
C ASP A 150 10.61 -37.40 11.97
N LYS A 151 10.01 -36.51 12.76
CA LYS A 151 8.74 -36.66 13.45
C LYS A 151 7.66 -37.22 12.53
N PRO A 152 6.66 -37.89 13.10
CA PRO A 152 5.41 -38.09 12.35
C PRO A 152 4.71 -36.75 12.19
N GLN A 153 3.92 -36.64 11.12
CA GLN A 153 3.22 -35.40 10.87
C GLN A 153 2.14 -35.21 11.93
N PHE A 154 2.18 -34.07 12.63
CA PHE A 154 1.13 -33.77 13.59
C PHE A 154 -0.18 -33.50 12.88
N GLY A 155 -0.12 -33.00 11.67
CA GLY A 155 -1.30 -32.71 10.87
C GLY A 155 -1.09 -31.43 10.10
N ASP A 156 -1.90 -31.26 9.06
CA ASP A 156 -1.91 -30.04 8.26
C ASP A 156 -0.63 -29.90 7.43
N LYS A 157 0.52 -29.70 8.08
CA LYS A 157 1.79 -29.53 7.37
C LYS A 157 2.89 -30.31 8.09
N PHE A 158 4.01 -30.50 7.41
CA PHE A 158 5.20 -31.07 8.01
C PHE A 158 5.92 -30.03 8.88
N ASP A 159 6.75 -30.52 9.80
CA ASP A 159 7.59 -29.67 10.62
C ASP A 159 9.03 -29.67 10.12
N ALA A 160 9.77 -28.63 10.47
CA ALA A 160 11.12 -28.49 9.95
C ALA A 160 12.01 -27.82 10.97
N ALA A 161 13.30 -27.88 10.69
CA ALA A 161 14.36 -27.27 11.47
C ALA A 161 15.28 -26.55 10.50
N VAL A 162 15.73 -25.34 10.90
CA VAL A 162 16.69 -24.59 10.10
C VAL A 162 18.07 -25.23 10.24
N ILE A 163 18.80 -25.36 9.13
CA ILE A 163 20.17 -25.89 9.14
C ILE A 163 21.20 -24.78 9.04
N THR A 164 21.05 -23.88 8.07
CA THR A 164 21.91 -22.71 7.94
C THR A 164 21.10 -21.55 7.40
N ILE A 165 21.67 -20.37 7.54
CA ILE A 165 21.10 -19.13 7.01
C ILE A 165 21.82 -18.82 5.70
N LEU A 166 21.08 -18.87 4.60
CA LEU A 166 21.68 -18.60 3.30
C LEU A 166 21.72 -17.11 2.98
N LYS A 167 20.76 -16.32 3.45
CA LYS A 167 20.81 -14.89 3.20
C LYS A 167 19.92 -14.17 4.21
N ARG A 168 20.49 -13.22 4.94
CA ARG A 168 19.71 -12.44 5.88
C ARG A 168 18.74 -11.53 5.14
N ALA A 169 17.54 -11.39 5.68
CA ALA A 169 16.58 -10.47 5.10
C ALA A 169 17.02 -9.01 5.26
N ARG A 170 17.81 -8.71 6.29
CA ARG A 170 18.21 -7.35 6.66
C ARG A 170 19.69 -7.37 6.99
N ILE A 171 20.35 -6.24 6.77
CA ILE A 171 21.66 -5.99 7.39
C ILE A 171 21.58 -5.01 8.55
N LEU A 172 20.58 -4.14 8.58
CA LEU A 172 20.44 -3.22 9.69
C LEU A 172 19.11 -3.46 10.36
N TYR A 173 19.10 -3.18 11.67
CA TYR A 173 17.95 -3.41 12.55
C TYR A 173 17.82 -2.22 13.49
N ALA A 174 16.59 -1.78 13.73
CA ALA A 174 16.35 -0.66 14.62
C ALA A 174 16.25 -1.15 16.07
N GLY A 175 16.69 -0.32 17.00
CA GLY A 175 16.46 -0.64 18.41
C GLY A 175 16.71 0.57 19.30
N ASN A 176 16.35 0.40 20.58
CA ASN A 176 16.61 1.42 21.57
C ASN A 176 17.90 1.07 22.31
N PHE A 177 18.81 2.03 22.44
CA PHE A 177 20.07 1.81 23.15
C PHE A 177 19.93 2.24 24.59
N LEU A 178 20.35 1.38 25.50
CA LEU A 178 20.37 1.69 26.92
C LEU A 178 21.79 1.58 27.48
N VAL A 179 22.14 2.46 28.39
CA VAL A 179 23.42 2.37 29.07
C VAL A 179 23.21 2.57 30.56
N ASP A 180 23.85 1.74 31.37
CA ASP A 180 23.79 1.94 32.81
C ASP A 180 25.16 1.61 33.41
N GLN A 181 25.43 2.21 34.57
CA GLN A 181 26.65 1.97 35.32
C GLN A 181 26.32 1.14 36.55
N ASN A 182 27.13 0.11 36.78
CA ASN A 182 26.91 -0.84 37.87
C ASN A 182 28.27 -1.38 38.26
N GLU A 183 28.62 -1.24 39.55
CA GLU A 183 29.96 -1.53 40.06
C GLU A 183 31.04 -0.92 39.20
N PHE A 184 30.90 0.39 38.97
CA PHE A 184 31.92 1.19 38.32
C PHE A 184 32.23 0.71 36.90
N ALA A 185 31.24 0.08 36.25
CA ALA A 185 31.38 -0.44 34.90
C ALA A 185 30.15 -0.09 34.07
N LEU A 186 30.38 0.35 32.83
CA LEU A 186 29.30 0.62 31.89
C LEU A 186 28.74 -0.68 31.34
N GLU A 187 27.41 -0.77 31.27
CA GLU A 187 26.72 -1.91 30.69
C GLU A 187 25.83 -1.40 29.56
N TYR A 188 25.95 -2.02 28.40
CA TYR A 188 25.17 -1.62 27.24
C TYR A 188 24.11 -2.66 26.93
N LYS A 189 22.93 -2.19 26.55
CA LYS A 189 21.89 -3.09 26.09
C LYS A 189 21.15 -2.41 24.92
N ILE A 190 20.67 -3.23 23.99
CA ILE A 190 19.75 -2.78 22.94
C ILE A 190 18.45 -3.58 23.05
N VAL A 191 17.33 -2.88 23.00
CA VAL A 191 16.00 -3.48 22.81
C VAL A 191 15.59 -3.27 21.35
N ALA A 192 15.55 -4.35 20.57
CA ALA A 192 15.14 -4.19 19.18
C ALA A 192 13.68 -3.75 19.11
N ASP A 193 13.39 -2.84 18.18
CA ASP A 193 12.01 -2.41 17.92
C ASP A 193 11.13 -3.58 17.49
N ASN A 194 11.65 -4.45 16.65
CA ASN A 194 10.87 -5.52 16.08
C ASN A 194 10.71 -6.65 17.10
N PRO A 195 9.48 -6.98 17.53
CA PRO A 195 9.30 -8.08 18.49
C PRO A 195 9.71 -9.43 17.95
N ARG A 196 9.85 -9.58 16.63
CA ARG A 196 10.34 -10.82 16.06
C ARG A 196 11.86 -10.95 16.12
N PHE A 197 12.59 -9.90 16.51
CA PHE A 197 14.02 -10.00 16.72
C PHE A 197 14.22 -10.60 18.12
N TYR A 198 14.50 -11.90 18.18
CA TYR A 198 14.48 -12.62 19.47
C TYR A 198 15.88 -12.88 20.02
N LEU A 199 16.93 -12.58 19.27
CA LEU A 199 18.28 -12.90 19.73
C LEU A 199 18.70 -11.98 20.88
N THR A 200 19.43 -12.57 21.83
CA THR A 200 20.13 -11.82 22.88
C THR A 200 21.39 -11.18 22.30
N MET A 201 21.60 -9.91 22.62
CA MET A 201 22.62 -9.12 21.97
C MET A 201 23.72 -8.73 22.94
N ILE A 202 24.96 -8.88 22.50
CA ILE A 202 26.13 -8.34 23.20
C ILE A 202 26.61 -7.15 22.38
N VAL A 203 26.59 -5.96 22.98
CA VAL A 203 26.88 -4.72 22.25
C VAL A 203 28.40 -4.47 22.24
N ASN A 204 28.96 -4.29 21.05
CA ASN A 204 30.39 -4.01 20.88
C ASN A 204 30.74 -2.64 21.46
N PRO A 205 31.51 -2.55 22.53
CA PRO A 205 31.73 -1.24 23.16
C PRO A 205 32.46 -0.27 22.25
N ASP A 206 33.25 -0.77 21.29
CA ASP A 206 33.95 0.11 20.37
C ASP A 206 33.02 0.69 19.32
N SER A 207 31.78 0.21 19.20
CA SER A 207 30.82 0.86 18.31
C SER A 207 30.04 1.96 19.02
N ILE A 208 30.25 2.16 20.31
CA ILE A 208 29.40 3.04 21.10
C ILE A 208 30.16 4.36 21.29
N PRO A 209 29.68 5.47 20.73
CA PRO A 209 30.28 6.78 21.03
C PRO A 209 30.20 7.05 22.52
N ASN A 210 31.23 7.73 23.05
CA ASN A 210 31.23 8.11 24.46
C ASN A 210 30.00 8.95 24.82
N ASN A 211 29.52 9.80 23.90
CA ASN A 211 28.38 10.68 24.21
C ASN A 211 27.00 10.05 23.96
N LEU A 212 26.91 8.77 23.62
CA LEU A 212 25.59 8.20 23.30
C LEU A 212 24.81 7.96 24.59
N ALA A 213 23.69 8.68 24.77
CA ALA A 213 22.92 8.56 26.00
C ALA A 213 21.91 7.41 25.95
N SER A 214 21.47 7.00 27.15
CA SER A 214 20.42 6.01 27.26
C SER A 214 19.17 6.49 26.54
N ASN A 215 18.37 5.54 26.05
CA ASN A 215 17.11 5.84 25.36
C ASN A 215 17.36 6.65 24.10
N THR A 216 18.33 6.21 23.32
CA THR A 216 18.60 6.76 22.01
C THR A 216 18.30 5.68 21.00
N LYS A 217 17.42 5.99 20.03
CA LYS A 217 17.17 5.08 18.92
C LYS A 217 18.42 4.94 18.05
N ILE A 218 18.76 3.70 17.69
CA ILE A 218 19.92 3.40 16.87
C ILE A 218 19.53 2.39 15.82
N ALA A 219 20.41 2.20 14.84
CA ALA A 219 20.43 1.03 13.98
C ALA A 219 21.69 0.21 14.23
N PHE A 220 21.53 -1.12 14.30
CA PHE A 220 22.66 -2.00 14.58
C PHE A 220 22.75 -3.06 13.50
N GLN A 221 23.92 -3.67 13.39
CA GLN A 221 24.14 -4.82 12.54
C GLN A 221 24.60 -5.99 13.40
N ILE A 222 24.41 -7.22 12.88
CA ILE A 222 24.89 -8.43 13.53
C ILE A 222 26.29 -8.70 13.03
N ASP A 223 27.25 -8.71 13.96
CA ASP A 223 28.64 -9.04 13.65
C ASP A 223 28.86 -10.55 13.63
N GLU A 224 28.30 -11.27 14.60
CA GLU A 224 28.44 -12.73 14.71
C GLU A 224 27.25 -13.24 15.50
N TYR A 225 26.93 -14.52 15.33
CA TYR A 225 25.87 -15.09 16.15
C TYR A 225 26.21 -16.53 16.50
N ASP A 226 25.61 -17.01 17.57
CA ASP A 226 25.77 -18.38 18.02
C ASP A 226 24.42 -19.06 17.83
N PRO A 227 24.25 -19.87 16.80
CA PRO A 227 22.93 -20.45 16.53
C PRO A 227 22.40 -21.32 17.66
N ASP A 228 23.29 -21.90 18.48
CA ASP A 228 22.88 -22.85 19.51
C ASP A 228 22.39 -22.18 20.78
N ASN A 229 22.77 -20.92 21.03
CA ASN A 229 22.38 -20.22 22.24
C ASN A 229 21.58 -18.97 21.99
N ASN A 230 21.28 -18.66 20.73
CA ASN A 230 20.49 -17.47 20.36
C ASN A 230 21.14 -16.19 20.88
N LEU A 231 22.45 -16.15 20.82
CA LEU A 231 23.23 -15.04 21.29
C LEU A 231 23.88 -14.43 20.06
N CYS A 232 24.02 -13.12 20.03
CA CYS A 232 24.75 -12.49 18.95
C CYS A 232 25.53 -11.27 19.42
N LYS A 233 26.60 -10.98 18.70
CA LYS A 233 27.38 -9.75 18.83
C LYS A 233 26.85 -8.75 17.81
N VAL A 234 26.59 -7.51 18.26
CA VAL A 234 26.06 -6.47 17.39
C VAL A 234 26.89 -5.21 17.60
N SER A 235 26.90 -4.35 16.57
N SER A 235 26.92 -4.36 16.56
CA SER A 235 27.53 -3.04 16.69
CA SER A 235 27.55 -3.04 16.63
C SER A 235 26.57 -1.97 16.19
C SER A 235 26.54 -1.97 16.20
N VAL A 236 26.57 -0.85 16.90
CA VAL A 236 25.79 0.31 16.50
C VAL A 236 26.37 0.87 15.20
N GLN A 237 25.51 1.09 14.21
CA GLN A 237 25.93 1.61 12.91
C GLN A 237 25.41 3.00 12.59
N GLN A 238 24.28 3.42 13.16
CA GLN A 238 23.78 4.76 13.01
C GLN A 238 23.15 5.16 14.33
N VAL A 239 23.24 6.44 14.66
CA VAL A 239 22.50 7.01 15.79
C VAL A 239 21.32 7.78 15.19
N LEU A 240 20.10 7.39 15.55
CA LEU A 240 18.92 7.98 14.90
C LEU A 240 18.35 9.14 15.67
N GLY A 241 18.27 9.07 16.98
CA GLY A 241 17.80 10.21 17.74
C GLY A 241 17.10 9.75 19.00
N ASN A 242 16.44 10.70 19.64
CA ASN A 242 15.73 10.40 20.86
C ASN A 242 14.68 9.29 20.64
N ASN A 243 14.77 8.23 21.44
CA ASN A 243 13.90 7.06 21.29
C ASN A 243 12.44 7.35 21.59
N ASP A 244 12.14 8.43 22.33
CA ASP A 244 10.78 8.86 22.59
C ASP A 244 10.17 9.77 21.51
N ASP A 245 10.92 10.12 20.49
CA ASP A 245 10.46 11.04 19.45
C ASP A 245 9.66 10.26 18.41
N PRO A 246 8.38 10.60 18.20
CA PRO A 246 7.58 9.77 17.29
C PRO A 246 8.05 9.81 15.86
N LEU A 247 8.63 10.91 15.39
CA LEU A 247 9.16 10.94 14.02
C LEU A 247 10.39 10.06 13.88
N ILE A 248 11.26 10.05 14.89
CA ILE A 248 12.40 9.12 14.91
C ILE A 248 11.91 7.68 14.82
N ASN A 249 10.85 7.35 15.57
CA ASN A 249 10.30 6.02 15.51
C ASN A 249 9.76 5.69 14.11
N ILE A 250 9.11 6.67 13.47
CA ILE A 250 8.61 6.47 12.11
C ILE A 250 9.76 6.20 11.16
N LYS A 251 10.88 6.93 11.34
CA LYS A 251 12.09 6.68 10.54
C LYS A 251 12.70 5.31 10.84
N ALA A 252 12.74 4.92 12.12
CA ALA A 252 13.21 3.58 12.47
C ALA A 252 12.34 2.50 11.83
N ILE A 253 11.02 2.68 11.85
CA ILE A 253 10.10 1.73 11.24
C ILE A 253 10.37 1.60 9.74
N MET A 254 10.65 2.72 9.04
CA MET A 254 11.07 2.61 7.63
C MET A 254 12.36 1.80 7.49
N LEU A 255 13.37 2.12 8.28
CA LEU A 255 14.62 1.32 8.25
C LEU A 255 14.35 -0.18 8.47
N ASP A 256 13.53 -0.52 9.44
CA ASP A 256 13.21 -1.94 9.66
C ASP A 256 12.46 -2.55 8.48
N ASN A 257 11.81 -1.75 7.64
CA ASN A 257 11.10 -2.28 6.48
C ASN A 257 11.92 -2.13 5.21
N SER A 258 13.21 -1.81 5.32
CA SER A 258 14.12 -1.60 4.19
C SER A 258 13.66 -0.47 3.30
N ILE A 259 13.01 0.53 3.85
CA ILE A 259 12.50 1.64 3.07
C ILE A 259 13.49 2.80 3.16
N VAL A 260 14.06 3.19 2.02
CA VAL A 260 14.98 4.32 1.95
C VAL A 260 14.24 5.62 2.15
N PHE A 261 14.77 6.50 3.00
CA PHE A 261 14.18 7.82 3.23
C PHE A 261 15.18 8.96 3.31
N GLU A 262 16.47 8.71 3.45
CA GLU A 262 17.44 9.79 3.52
C GLU A 262 17.67 10.34 2.12
N THR A 263 18.03 11.61 2.05
CA THR A 263 18.27 12.20 0.74
C THR A 263 19.53 11.61 0.12
N ASN A 264 19.47 11.31 -1.18
CA ASN A 264 20.60 10.79 -1.94
C ASN A 264 21.17 11.99 -2.70
N ASP A 265 22.29 12.52 -2.21
CA ASP A 265 22.83 13.76 -2.75
C ASP A 265 23.26 13.60 -4.19
N VAL A 266 23.82 12.44 -4.54
CA VAL A 266 24.22 12.23 -5.93
C VAL A 266 22.99 12.34 -6.84
N VAL A 267 21.89 11.70 -6.45
CA VAL A 267 20.67 11.72 -7.26
C VAL A 267 20.15 13.14 -7.37
N GLU A 268 20.13 13.88 -6.26
CA GLU A 268 19.67 15.27 -6.32
C GLU A 268 20.53 16.10 -7.26
N GLN A 269 21.85 15.91 -7.23
CA GLN A 269 22.73 16.68 -8.10
C GLN A 269 22.49 16.34 -9.56
N HIS A 270 22.28 15.06 -9.89
CA HIS A 270 21.92 14.72 -11.25
C HIS A 270 20.62 15.38 -11.66
N ALA A 271 19.65 15.42 -10.73
CA ALA A 271 18.35 16.00 -11.07
C ALA A 271 18.47 17.50 -11.33
N ASN A 272 19.26 18.20 -10.53
CA ASN A 272 19.38 19.65 -10.64
C ASN A 272 20.03 20.10 -11.94
N LYS A 273 20.65 19.19 -12.69
CA LYS A 273 21.14 19.55 -14.01
C LYS A 273 20.00 19.71 -15.01
N LEU A 274 18.90 18.96 -14.83
CA LEU A 274 17.80 18.95 -15.78
C LEU A 274 17.13 20.31 -15.87
N SER A 275 16.68 20.65 -17.07
CA SER A 275 16.06 21.95 -17.30
C SER A 275 14.99 21.82 -18.39
N PHE A 276 14.16 22.84 -18.47
CA PHE A 276 13.09 22.89 -19.46
C PHE A 276 13.66 23.21 -20.84
N ASP A 277 13.54 22.29 -21.79
CA ASP A 277 13.95 22.57 -23.17
C ASP A 277 12.79 23.26 -23.89
N THR A 278 12.96 24.56 -24.15
CA THR A 278 11.91 25.33 -24.80
C THR A 278 11.60 24.83 -26.21
N GLU A 279 12.55 24.17 -26.88
CA GLU A 279 12.33 23.75 -28.26
C GLU A 279 11.55 22.45 -28.37
N GLU A 280 11.48 21.68 -27.28
CA GLU A 280 10.79 20.39 -27.27
C GLU A 280 9.31 20.54 -27.69
N GLN A 281 8.70 21.68 -27.36
CA GLN A 281 7.30 21.88 -27.71
C GLN A 281 7.10 21.99 -29.23
N HIS A 282 8.17 22.23 -29.99
CA HIS A 282 8.06 22.35 -31.43
C HIS A 282 8.30 21.04 -32.15
N LYS A 283 8.53 19.95 -31.43
CA LYS A 283 8.68 18.65 -32.09
C LYS A 283 7.38 18.28 -32.80
N ALA A 284 7.51 17.74 -34.02
CA ALA A 284 6.35 17.33 -34.80
C ALA A 284 5.49 16.31 -34.06
N TYR A 285 6.10 15.45 -33.26
CA TYR A 285 5.33 14.40 -32.60
C TYR A 285 4.59 14.90 -31.37
N ARG A 286 4.83 16.14 -30.93
CA ARG A 286 4.31 16.60 -29.65
C ARG A 286 3.19 17.59 -29.91
N GLN A 287 1.96 17.20 -29.57
CA GLN A 287 0.81 18.03 -29.92
C GLN A 287 0.77 19.25 -29.01
N ASP A 288 0.60 20.44 -29.61
CA ASP A 288 0.46 21.67 -28.84
C ASP A 288 -0.96 21.77 -28.30
N LEU A 289 -1.14 21.60 -27.00
CA LEU A 289 -2.47 21.79 -26.41
C LEU A 289 -2.49 22.93 -25.42
N THR A 290 -1.57 23.90 -25.57
CA THR A 290 -1.37 24.94 -24.55
C THR A 290 -2.55 25.88 -24.43
N ASP A 291 -3.46 25.91 -25.41
CA ASP A 291 -4.65 26.75 -25.33
C ASP A 291 -5.80 26.11 -24.54
N LEU A 292 -5.71 24.82 -24.19
CA LEU A 292 -6.84 24.15 -23.55
C LEU A 292 -6.86 24.41 -22.05
N ALA A 293 -8.07 24.53 -21.49
CA ALA A 293 -8.24 24.88 -20.08
C ALA A 293 -8.04 23.67 -19.13
N PHE A 294 -6.86 23.04 -19.24
CA PHE A 294 -6.45 22.02 -18.29
C PHE A 294 -6.36 22.61 -16.89
N VAL A 295 -6.73 21.80 -15.90
CA VAL A 295 -6.52 22.11 -14.49
C VAL A 295 -6.12 20.83 -13.76
N THR A 296 -5.58 21.00 -12.55
CA THR A 296 -5.30 19.89 -11.65
C THR A 296 -6.26 19.92 -10.47
N VAL A 297 -6.62 18.73 -9.98
CA VAL A 297 -7.47 18.59 -8.81
C VAL A 297 -6.82 17.55 -7.89
N ASP A 298 -6.47 17.97 -6.67
CA ASP A 298 -5.61 17.14 -5.81
C ASP A 298 -5.95 17.41 -4.36
N PRO A 299 -5.54 16.52 -3.44
CA PRO A 299 -5.61 16.88 -2.00
C PRO A 299 -4.85 18.16 -1.72
N THR A 300 -5.27 18.85 -0.66
CA THR A 300 -4.75 20.19 -0.40
C THR A 300 -3.23 20.23 -0.18
N THR A 301 -2.65 19.17 0.41
CA THR A 301 -1.23 19.19 0.76
C THR A 301 -0.31 18.66 -0.33
N SER A 302 -0.86 18.05 -1.38
CA SER A 302 -0.02 17.53 -2.46
C SER A 302 0.70 18.63 -3.21
N LYS A 303 1.99 18.43 -3.45
CA LYS A 303 2.75 19.33 -4.30
C LYS A 303 3.27 18.66 -5.56
N ASP A 304 3.10 17.35 -5.70
CA ASP A 304 3.43 16.66 -6.95
C ASP A 304 2.13 16.52 -7.75
N LEU A 305 1.97 17.39 -8.73
CA LEU A 305 0.81 17.40 -9.61
C LEU A 305 1.19 16.64 -10.88
N ALA A 306 0.85 15.36 -10.93
CA ALA A 306 1.21 14.51 -12.06
C ALA A 306 0.18 14.49 -13.18
N ASP A 307 -1.08 14.84 -12.89
CA ASP A 307 -2.19 14.56 -13.78
C ASP A 307 -3.04 15.82 -13.87
N ALA A 308 -3.40 16.20 -15.10
CA ALA A 308 -4.32 17.31 -15.33
C ALA A 308 -5.42 16.87 -16.27
N ILE A 309 -6.61 17.47 -16.12
CA ILE A 309 -7.74 17.04 -16.92
C ILE A 309 -8.35 18.22 -17.66
N TYR A 310 -8.90 17.91 -18.82
CA TYR A 310 -9.73 18.84 -19.58
C TYR A 310 -10.80 18.03 -20.28
N VAL A 311 -12.04 18.50 -20.22
CA VAL A 311 -13.17 17.81 -20.85
C VAL A 311 -13.93 18.79 -21.72
N LYS A 312 -14.15 18.40 -22.97
CA LYS A 312 -14.91 19.19 -23.94
C LYS A 312 -16.19 18.45 -24.26
N THR A 313 -17.27 19.21 -24.43
CA THR A 313 -18.50 18.67 -24.96
C THR A 313 -18.51 18.82 -26.48
N ILE A 314 -19.00 17.79 -27.16
CA ILE A 314 -19.18 17.81 -28.61
C ILE A 314 -20.65 17.45 -28.84
N PRO A 315 -21.23 17.63 -30.03
CA PRO A 315 -22.65 17.26 -30.20
C PRO A 315 -22.95 15.80 -29.86
N THR A 316 -22.10 14.87 -30.28
CA THR A 316 -22.34 13.46 -30.07
C THR A 316 -21.87 12.95 -28.71
N GLY A 317 -21.21 13.78 -27.90
CA GLY A 317 -20.82 13.34 -26.58
C GLY A 317 -19.81 14.23 -25.90
N PHE A 318 -18.64 13.65 -25.59
CA PHE A 318 -17.59 14.28 -24.82
C PHE A 318 -16.24 13.88 -25.39
N VAL A 319 -15.25 14.72 -25.16
CA VAL A 319 -13.87 14.37 -25.41
C VAL A 319 -13.10 14.64 -24.13
N LEU A 320 -12.47 13.60 -23.60
CA LEU A 320 -11.71 13.68 -22.37
C LEU A 320 -10.22 13.70 -22.67
N TYR A 321 -9.51 14.68 -22.08
CA TYR A 321 -8.06 14.71 -22.12
C TYR A 321 -7.50 14.48 -20.71
N VAL A 322 -6.71 13.44 -20.55
CA VAL A 322 -5.98 13.17 -19.32
C VAL A 322 -4.51 13.37 -19.64
N ALA A 323 -3.92 14.40 -19.06
CA ALA A 323 -2.55 14.77 -19.34
C ALA A 323 -1.71 14.39 -18.14
N ILE A 324 -0.69 13.58 -18.37
CA ILE A 324 0.15 13.01 -17.33
C ILE A 324 1.56 13.55 -17.54
N ALA A 325 2.17 14.02 -16.47
CA ALA A 325 3.55 14.48 -16.54
C ALA A 325 4.46 13.51 -17.30
N ASP A 326 5.25 14.06 -18.23
CA ASP A 326 6.06 13.28 -19.16
C ASP A 326 7.38 12.87 -18.50
N VAL A 327 7.27 12.03 -17.47
CA VAL A 327 8.44 11.70 -16.65
C VAL A 327 9.47 10.93 -17.45
N ALA A 328 9.04 10.03 -18.33
CA ALA A 328 9.99 9.29 -19.15
C ALA A 328 10.85 10.22 -20.00
N HIS A 329 10.31 11.38 -20.39
CA HIS A 329 11.08 12.30 -21.20
C HIS A 329 12.24 12.91 -20.41
N TYR A 330 12.15 12.97 -19.08
CA TYR A 330 13.19 13.56 -18.24
C TYR A 330 14.09 12.54 -17.57
N VAL A 331 13.61 11.30 -17.37
CA VAL A 331 14.35 10.29 -16.63
C VAL A 331 14.75 9.22 -17.62
N ASN A 332 16.04 9.23 -17.97
CA ASN A 332 16.57 8.24 -18.89
C ASN A 332 16.67 6.91 -18.20
N ARG A 333 16.36 5.86 -18.93
CA ARG A 333 16.35 4.54 -18.34
C ARG A 333 17.78 4.12 -18.00
N ASN A 334 17.96 3.61 -16.78
CA ASN A 334 19.26 3.20 -16.23
C ASN A 334 20.17 4.37 -15.88
N SER A 335 19.66 5.60 -15.93
CA SER A 335 20.37 6.72 -15.31
C SER A 335 20.38 6.54 -13.79
N GLU A 336 21.24 7.32 -13.12
CA GLU A 336 21.31 7.26 -11.66
C GLU A 336 19.95 7.57 -11.03
N ILE A 337 19.24 8.57 -11.58
CA ILE A 337 17.90 8.89 -11.08
C ILE A 337 16.97 7.70 -11.27
N ASP A 338 17.02 7.10 -12.46
CA ASP A 338 16.16 5.95 -12.73
C ASP A 338 16.45 4.78 -11.76
N ILE A 339 17.73 4.44 -11.57
CA ILE A 339 18.11 3.31 -10.73
C ILE A 339 17.59 3.51 -9.31
N GLU A 340 17.67 4.75 -8.82
CA GLU A 340 17.18 5.01 -7.47
C GLU A 340 15.66 4.94 -7.41
N ALA A 341 14.97 5.42 -8.45
CA ALA A 341 13.52 5.26 -8.51
C ALA A 341 13.13 3.79 -8.54
N LYS A 342 13.86 2.97 -9.30
CA LYS A 342 13.56 1.55 -9.38
C LYS A 342 13.77 0.84 -8.05
N HIS A 343 14.80 1.23 -7.29
CA HIS A 343 14.99 0.66 -5.97
C HIS A 343 13.85 1.02 -5.05
N LYS A 344 13.40 2.29 -5.10
CA LYS A 344 12.33 2.69 -4.20
C LYS A 344 10.98 2.08 -4.62
N THR A 345 10.75 1.94 -5.95
CA THR A 345 9.54 1.45 -6.60
C THR A 345 8.34 2.42 -6.50
N SER A 346 8.29 3.30 -5.50
CA SER A 346 7.07 4.07 -5.31
C SER A 346 7.35 5.20 -4.34
N SER A 347 6.62 6.31 -4.43
CA SER A 347 6.65 7.22 -3.30
C SER A 347 6.01 6.56 -2.07
N ILE A 348 6.43 6.99 -0.88
CA ILE A 348 5.89 6.51 0.40
C ILE A 348 5.12 7.63 1.08
N TYR A 349 3.91 7.33 1.54
CA TYR A 349 3.05 8.29 2.23
C TYR A 349 2.73 7.75 3.62
N LEU A 350 3.26 8.40 4.65
CA LEU A 350 3.00 8.10 6.05
C LEU A 350 2.24 9.28 6.67
N PRO A 351 1.81 9.22 7.94
CA PRO A 351 1.01 10.33 8.48
C PRO A 351 1.77 11.65 8.59
N GLY A 352 1.04 12.68 8.98
CA GLY A 352 1.59 14.02 9.02
C GLY A 352 1.92 14.60 7.66
N HIS A 353 1.37 14.03 6.58
CA HIS A 353 1.74 14.38 5.22
C HIS A 353 3.26 14.24 5.00
N TYR A 354 3.87 13.26 5.68
CA TYR A 354 5.28 12.94 5.52
C TYR A 354 5.45 12.01 4.32
N VAL A 355 6.14 12.50 3.30
CA VAL A 355 6.25 11.82 2.03
C VAL A 355 7.72 11.53 1.78
N VAL A 356 8.02 10.34 1.28
CA VAL A 356 9.32 10.03 0.73
C VAL A 356 9.13 9.90 -0.78
N PRO A 357 9.54 10.89 -1.56
CA PRO A 357 9.21 10.86 -2.98
C PRO A 357 10.08 9.88 -3.73
N MET A 358 9.50 9.28 -4.77
CA MET A 358 10.27 8.36 -5.61
C MET A 358 11.32 9.10 -6.42
N LEU A 359 11.07 10.37 -6.73
CA LEU A 359 11.92 11.14 -7.61
C LEU A 359 12.31 12.42 -6.87
N PRO A 360 13.48 12.96 -7.13
CA PRO A 360 13.92 14.17 -6.44
C PRO A 360 13.06 15.37 -6.84
N GLU A 361 13.07 16.38 -5.98
CA GLU A 361 12.02 17.40 -6.05
C GLU A 361 12.20 18.36 -7.21
N GLN A 362 13.40 18.43 -7.80
CA GLN A 362 13.52 19.14 -9.07
C GLN A 362 12.62 18.53 -10.13
N LEU A 363 12.36 17.22 -10.06
CA LEU A 363 11.41 16.66 -11.00
C LEU A 363 10.00 16.73 -10.43
N SER A 364 9.85 16.27 -9.20
CA SER A 364 8.54 15.99 -8.63
C SER A 364 7.72 17.25 -8.44
N ASN A 365 8.36 18.38 -8.19
CA ASN A 365 7.62 19.59 -7.89
C ASN A 365 7.92 20.72 -8.86
N GLN A 366 8.85 20.55 -9.79
CA GLN A 366 9.06 21.60 -10.78
C GLN A 366 8.96 21.10 -12.22
N LEU A 367 9.96 20.38 -12.75
CA LEU A 367 9.90 20.06 -14.18
C LEU A 367 8.74 19.13 -14.52
N CYS A 368 8.42 18.18 -13.64
CA CYS A 368 7.30 17.28 -13.92
C CYS A 368 6.06 17.61 -13.12
N SER A 369 5.94 18.80 -12.55
CA SER A 369 4.72 19.12 -11.83
C SER A 369 3.92 20.07 -12.69
N LEU A 370 2.64 19.75 -12.88
CA LEU A 370 1.78 20.53 -13.78
C LEU A 370 1.23 21.77 -13.08
N ASN A 371 2.17 22.65 -12.71
CA ASN A 371 1.85 23.84 -11.93
C ASN A 371 1.19 24.90 -12.81
N PRO A 372 0.27 25.69 -12.24
CA PRO A 372 -0.48 26.67 -13.04
C PRO A 372 0.44 27.64 -13.77
N ALA A 373 0.04 28.01 -14.99
CA ALA A 373 0.65 28.98 -15.87
C ALA A 373 2.02 28.56 -16.40
N GLN A 374 2.49 27.34 -16.11
CA GLN A 374 3.77 26.85 -16.61
C GLN A 374 3.55 25.94 -17.82
N LYS A 375 4.34 26.15 -18.87
CA LYS A 375 4.37 25.18 -19.96
C LYS A 375 4.98 23.89 -19.47
N ARG A 376 4.31 22.77 -19.74
CA ARG A 376 4.76 21.49 -19.22
C ARG A 376 4.58 20.41 -20.28
N TYR A 377 5.54 19.48 -20.32
CA TYR A 377 5.47 18.36 -21.26
C TYR A 377 4.76 17.18 -20.62
N VAL A 378 3.85 16.57 -21.40
CA VAL A 378 2.94 15.56 -20.88
C VAL A 378 2.80 14.42 -21.88
N VAL A 379 2.21 13.33 -21.39
CA VAL A 379 1.67 12.29 -22.24
C VAL A 379 0.16 12.28 -22.02
N VAL A 380 -0.57 12.39 -23.12
CA VAL A 380 -2.01 12.57 -23.08
C VAL A 380 -2.67 11.26 -23.47
N CYS A 381 -3.67 10.88 -22.70
CA CYS A 381 -4.67 9.89 -23.11
C CYS A 381 -5.95 10.66 -23.43
N GLU A 382 -6.34 10.65 -24.70
CA GLU A 382 -7.50 11.36 -25.22
C GLU A 382 -8.57 10.35 -25.60
N ILE A 383 -9.77 10.47 -25.00
CA ILE A 383 -10.87 9.52 -25.24
C ILE A 383 -12.14 10.28 -25.56
N SER A 384 -12.81 9.88 -26.65
CA SER A 384 -14.11 10.41 -27.05
C SER A 384 -15.21 9.48 -26.56
N PHE A 385 -16.26 10.05 -26.00
CA PHE A 385 -17.38 9.29 -25.46
C PHE A 385 -18.67 9.70 -26.16
N ASP A 386 -19.63 8.77 -26.26
CA ASP A 386 -20.96 9.18 -26.65
C ASP A 386 -21.69 9.78 -25.43
N ASN A 387 -22.96 10.13 -25.64
CA ASN A 387 -23.72 10.81 -24.61
C ASN A 387 -24.18 9.89 -23.49
N GLN A 388 -23.92 8.58 -23.59
CA GLN A 388 -24.13 7.66 -22.47
C GLN A 388 -22.83 7.31 -21.75
N GLY A 389 -21.71 7.90 -22.16
CA GLY A 389 -20.46 7.63 -21.47
C GLY A 389 -19.75 6.38 -21.94
N ARG A 390 -20.13 5.86 -23.10
CA ARG A 390 -19.43 4.73 -23.71
C ARG A 390 -18.28 5.24 -24.56
N ILE A 391 -17.14 4.56 -24.45
CA ILE A 391 -15.94 4.92 -25.19
C ILE A 391 -16.16 4.69 -26.67
N LYS A 392 -15.77 5.67 -27.50
CA LYS A 392 -15.85 5.52 -28.94
C LYS A 392 -14.49 5.36 -29.59
N THR A 393 -13.56 6.26 -29.30
CA THR A 393 -12.24 6.29 -29.90
C THR A 393 -11.26 6.75 -28.83
N ASN A 394 -9.97 6.54 -29.10
CA ASN A 394 -8.94 7.04 -28.19
C ASN A 394 -7.69 7.32 -29.00
N LYS A 395 -6.84 8.17 -28.44
CA LYS A 395 -5.54 8.48 -29.02
C LYS A 395 -4.60 8.71 -27.85
N LEU A 396 -3.35 8.28 -28.00
CA LEU A 396 -2.30 8.53 -27.02
C LEU A 396 -1.16 9.28 -27.71
N TYR A 397 -0.65 10.35 -27.09
CA TYR A 397 0.38 11.12 -27.76
C TYR A 397 1.10 12.02 -26.75
N PRO A 398 2.37 12.35 -27.01
CA PRO A 398 3.01 13.43 -26.24
C PRO A 398 2.36 14.75 -26.59
N ALA A 399 2.43 15.67 -25.63
CA ALA A 399 1.81 16.99 -25.77
C ALA A 399 2.49 17.98 -24.85
N THR A 400 2.09 19.25 -25.01
CA THR A 400 2.47 20.39 -24.18
C THR A 400 1.20 21.05 -23.68
N ILE A 401 1.11 21.32 -22.37
CA ILE A 401 -0.04 22.01 -21.82
C ILE A 401 0.42 23.18 -20.97
N ILE A 402 -0.55 24.02 -20.59
CA ILE A 402 -0.39 24.99 -19.52
C ILE A 402 -1.60 24.81 -18.63
N SER A 403 -1.41 24.28 -17.41
CA SER A 403 -2.53 24.19 -16.49
C SER A 403 -2.97 25.61 -16.13
N LYS A 404 -4.28 25.85 -16.18
CA LYS A 404 -4.79 27.17 -15.86
C LYS A 404 -5.05 27.35 -14.36
N ASN A 405 -5.25 26.26 -13.62
CA ASN A 405 -5.58 26.33 -12.20
C ASN A 405 -5.18 25.05 -11.49
N ARG A 406 -4.69 25.18 -10.27
CA ARG A 406 -4.60 24.05 -9.35
C ARG A 406 -5.73 24.19 -8.34
N PHE A 407 -6.50 23.11 -8.17
CA PHE A 407 -7.62 23.09 -7.24
C PHE A 407 -7.43 21.97 -6.24
N SER A 408 -8.03 22.14 -5.07
CA SER A 408 -8.11 21.04 -4.11
C SER A 408 -9.50 20.41 -4.19
N TYR A 409 -9.58 19.15 -3.74
CA TYR A 409 -10.87 18.49 -3.58
C TYR A 409 -11.83 19.37 -2.81
N ASP A 410 -11.36 19.92 -1.69
CA ASP A 410 -12.19 20.79 -0.87
C ASP A 410 -12.76 21.96 -1.70
N GLN A 411 -11.92 22.62 -2.49
CA GLN A 411 -12.39 23.75 -3.30
C GLN A 411 -13.45 23.32 -4.30
N VAL A 412 -13.21 22.20 -5.00
CA VAL A 412 -14.17 21.73 -5.99
C VAL A 412 -15.47 21.30 -5.33
N ASN A 413 -15.37 20.63 -4.18
CA ASN A 413 -16.57 20.14 -3.49
C ASN A 413 -17.44 21.28 -3.00
N LYS A 414 -16.83 22.31 -2.39
CA LYS A 414 -17.62 23.45 -1.96
C LYS A 414 -18.27 24.14 -3.14
N TRP A 415 -17.57 24.19 -4.27
CA TRP A 415 -18.16 24.75 -5.48
C TRP A 415 -19.36 23.91 -5.92
N LEU A 416 -19.21 22.58 -5.93
CA LEU A 416 -20.30 21.69 -6.33
C LEU A 416 -21.57 21.97 -5.54
N ASN A 417 -21.46 22.04 -4.22
CA ASN A 417 -22.60 22.29 -3.34
C ASN A 417 -22.98 23.78 -3.29
N ASN A 418 -22.56 24.57 -4.28
CA ASN A 418 -22.88 25.99 -4.39
C ASN A 418 -22.63 26.74 -3.09
N LYS A 419 -21.67 26.26 -2.30
CA LYS A 419 -21.25 26.93 -1.08
C LYS A 419 -20.04 27.82 -1.30
N SER A 420 -19.57 27.94 -2.54
CA SER A 420 -18.45 28.81 -2.88
C SER A 420 -18.32 28.87 -4.39
N GLU A 421 -17.62 29.90 -4.86
CA GLU A 421 -17.32 30.08 -6.28
C GLU A 421 -15.85 29.80 -6.52
N LEU A 422 -15.54 29.44 -7.76
CA LEU A 422 -14.16 29.22 -8.19
C LEU A 422 -13.70 30.44 -8.96
N ASN A 423 -12.58 31.01 -8.56
CA ASN A 423 -12.04 32.20 -9.22
C ASN A 423 -11.22 31.74 -10.41
N CYS A 424 -11.92 31.38 -11.48
CA CYS A 424 -11.27 30.88 -12.68
C CYS A 424 -12.04 31.34 -13.89
N ASP A 425 -11.41 31.19 -15.06
CA ASP A 425 -11.99 31.54 -16.34
C ASP A 425 -13.16 30.63 -16.68
N GLU A 426 -14.09 31.15 -17.48
CA GLU A 426 -15.31 30.41 -17.79
C GLU A 426 -15.02 29.07 -18.47
N THR A 427 -13.94 28.99 -19.27
CA THR A 427 -13.59 27.73 -19.91
C THR A 427 -13.27 26.63 -18.90
N VAL A 428 -12.62 26.98 -17.78
CA VAL A 428 -12.39 26.03 -16.71
C VAL A 428 -13.72 25.55 -16.12
N ILE A 429 -14.64 26.49 -15.89
CA ILE A 429 -15.93 26.15 -15.30
C ILE A 429 -16.67 25.15 -16.17
N ASN A 430 -16.64 25.37 -17.48
CA ASN A 430 -17.36 24.47 -18.39
C ASN A 430 -16.68 23.11 -18.47
N SER A 431 -15.35 23.08 -18.41
CA SER A 431 -14.64 21.80 -18.43
C SER A 431 -14.99 20.98 -17.19
N LEU A 432 -14.98 21.61 -16.02
CA LEU A 432 -15.29 20.88 -14.79
C LEU A 432 -16.72 20.38 -14.79
N LYS A 433 -17.68 21.20 -15.26
CA LYS A 433 -19.06 20.76 -15.33
C LYS A 433 -19.20 19.56 -16.26
N ALA A 434 -18.52 19.60 -17.40
CA ALA A 434 -18.55 18.47 -18.31
C ALA A 434 -17.85 17.27 -17.69
N ALA A 435 -16.77 17.50 -16.93
CA ALA A 435 -16.06 16.39 -16.32
C ALA A 435 -16.96 15.67 -15.32
N PHE A 436 -17.75 16.42 -14.55
CA PHE A 436 -18.60 15.77 -13.56
C PHE A 436 -19.72 15.00 -14.24
N THR A 437 -20.29 15.58 -15.29
CA THR A 437 -21.32 14.90 -16.06
C THR A 437 -20.76 13.62 -16.68
N LEU A 438 -19.62 13.75 -17.37
CA LEU A 438 -18.95 12.61 -17.97
C LEU A 438 -18.62 11.57 -16.91
N SER A 439 -18.11 12.02 -15.75
CA SER A 439 -17.74 11.10 -14.69
C SER A 439 -18.94 10.31 -14.18
N ASP A 440 -20.08 10.97 -14.02
CA ASP A 440 -21.30 10.26 -13.64
C ASP A 440 -21.65 9.18 -14.66
N LEU A 441 -21.56 9.53 -15.95
CA LEU A 441 -21.89 8.59 -17.03
C LEU A 441 -20.92 7.40 -17.06
N ILE A 442 -19.62 7.67 -16.95
CA ILE A 442 -18.62 6.60 -16.91
C ILE A 442 -18.88 5.66 -15.74
N GLN A 443 -19.22 6.22 -14.58
CA GLN A 443 -19.47 5.39 -13.42
C GLN A 443 -20.66 4.49 -13.67
N ALA A 444 -21.70 5.00 -14.35
CA ALA A 444 -22.87 4.16 -14.60
C ALA A 444 -22.55 3.05 -15.60
N GLN A 445 -21.75 3.35 -16.64
CA GLN A 445 -21.38 2.32 -17.60
C GLN A 445 -20.51 1.23 -16.95
N ARG A 446 -19.57 1.64 -16.11
CA ARG A 446 -18.69 0.64 -15.49
C ARG A 446 -19.48 -0.27 -14.56
N GLN A 447 -20.47 0.30 -13.85
CA GLN A 447 -21.36 -0.53 -13.04
C GLN A 447 -22.18 -1.47 -13.90
N LYS A 448 -22.63 -0.97 -15.06
CA LYS A 448 -23.40 -1.81 -15.99
C LYS A 448 -22.56 -2.97 -16.51
N ARG A 449 -21.32 -2.69 -16.92
CA ARG A 449 -20.46 -3.76 -17.42
C ARG A 449 -19.94 -4.65 -16.29
N GLY A 450 -19.85 -4.14 -15.07
CA GLY A 450 -19.37 -4.93 -13.95
C GLY A 450 -18.12 -4.34 -13.30
N THR A 451 -18.25 -3.93 -12.05
CA THR A 451 -17.15 -3.40 -11.26
C THR A 451 -17.55 -3.54 -9.79
N ILE A 452 -16.56 -3.73 -8.93
CA ILE A 452 -16.81 -4.03 -7.51
C ILE A 452 -16.35 -2.82 -6.70
N ASP A 453 -17.30 -2.02 -6.24
CA ASP A 453 -17.03 -0.87 -5.38
C ASP A 453 -16.81 -1.36 -3.96
N LEU A 454 -15.54 -1.44 -3.56
CA LEU A 454 -15.14 -1.96 -2.26
C LEU A 454 -14.88 -0.85 -1.24
N SER A 455 -15.45 0.34 -1.45
CA SER A 455 -15.32 1.44 -0.49
C SER A 455 -15.86 1.03 0.87
N HIS A 456 -15.17 1.43 1.92
CA HIS A 456 -15.66 1.24 3.27
C HIS A 456 -14.96 2.27 4.16
N LYS A 457 -15.15 2.14 5.48
CA LYS A 457 -14.60 3.14 6.40
C LYS A 457 -13.09 3.22 6.30
N GLU A 458 -12.59 4.45 6.24
CA GLU A 458 -11.16 4.75 6.20
C GLU A 458 -10.90 5.85 7.22
N THR A 459 -9.67 5.89 7.74
CA THR A 459 -9.29 6.89 8.72
C THR A 459 -7.93 7.49 8.36
N GLU A 460 -7.63 8.60 9.00
CA GLU A 460 -6.28 9.14 9.03
C GLU A 460 -5.97 9.58 10.45
N ILE A 461 -4.69 9.63 10.76
CA ILE A 461 -4.22 10.10 12.06
C ILE A 461 -3.80 11.55 11.93
N VAL A 462 -4.36 12.42 12.76
CA VAL A 462 -3.93 13.82 12.83
C VAL A 462 -2.77 13.91 13.81
N VAL A 463 -1.66 14.51 13.39
CA VAL A 463 -0.54 14.68 14.30
C VAL A 463 -0.24 16.16 14.44
N ASP A 464 0.46 16.52 15.53
CA ASP A 464 0.86 17.89 15.78
C ASP A 464 2.21 18.17 15.11
N GLU A 465 2.77 19.36 15.35
CA GLU A 465 4.00 19.76 14.65
C GLU A 465 5.20 18.92 15.08
N HIS A 466 5.10 18.19 16.17
CA HIS A 466 6.17 17.30 16.60
C HIS A 466 5.86 15.84 16.32
N TYR A 467 4.89 15.58 15.42
CA TYR A 467 4.50 14.24 15.01
C TYR A 467 3.85 13.43 16.14
N PHE A 468 3.42 14.07 17.23
CA PHE A 468 2.64 13.32 18.17
C PHE A 468 1.19 13.20 17.70
N PRO A 469 0.58 12.02 17.83
CA PRO A 469 -0.80 11.84 17.35
C PRO A 469 -1.79 12.59 18.23
N ILE A 470 -2.73 13.25 17.59
CA ILE A 470 -3.75 14.04 18.28
C ILE A 470 -5.09 13.33 18.30
N LYS A 471 -5.52 12.83 17.15
CA LYS A 471 -6.83 12.20 17.04
C LYS A 471 -6.90 11.48 15.71
N ILE A 472 -7.92 10.66 15.56
CA ILE A 472 -8.16 9.89 14.35
C ILE A 472 -9.44 10.41 13.73
N ASN A 473 -9.40 10.70 12.43
CA ASN A 473 -10.54 11.22 11.68
C ASN A 473 -11.04 10.14 10.73
N PHE A 474 -12.34 10.05 10.60
CA PHE A 474 -12.89 9.22 9.54
C PHE A 474 -12.93 10.04 8.26
N LEU A 475 -12.47 9.46 7.16
CA LEU A 475 -12.53 10.11 5.86
C LEU A 475 -13.94 9.99 5.28
N VAL A 476 -14.32 10.95 4.45
CA VAL A 476 -15.67 10.92 3.90
C VAL A 476 -15.59 10.79 2.39
N HIS A 477 -16.58 10.09 1.82
CA HIS A 477 -16.74 10.09 0.37
C HIS A 477 -16.67 11.51 -0.15
N ASP A 478 -16.05 11.65 -1.31
CA ASP A 478 -15.55 12.93 -1.79
C ASP A 478 -15.97 13.02 -3.25
N LYS A 479 -16.98 13.84 -3.55
CA LYS A 479 -17.50 13.92 -4.92
C LYS A 479 -16.39 14.28 -5.90
N ALA A 480 -15.59 15.29 -5.56
CA ALA A 480 -14.47 15.68 -6.41
C ALA A 480 -13.45 14.54 -6.55
N GLU A 481 -13.09 13.89 -5.42
CA GLU A 481 -12.16 12.76 -5.46
C GLU A 481 -12.72 11.64 -6.33
N THR A 482 -14.03 11.41 -6.28
CA THR A 482 -14.62 10.32 -7.05
C THR A 482 -14.58 10.61 -8.55
N MET A 483 -14.85 11.88 -8.93
CA MET A 483 -14.74 12.26 -10.33
C MET A 483 -13.32 12.03 -10.86
N ILE A 484 -12.30 12.50 -10.13
CA ILE A 484 -10.93 12.26 -10.59
C ILE A 484 -10.66 10.76 -10.72
N GLU A 485 -11.13 9.97 -9.75
CA GLU A 485 -10.93 8.52 -9.79
C GLU A 485 -11.51 7.90 -11.05
N ASN A 486 -12.76 8.20 -11.39
CA ASN A 486 -13.34 7.65 -12.61
C ASN A 486 -12.50 8.01 -13.84
N LEU A 487 -12.05 9.25 -13.93
CA LEU A 487 -11.29 9.66 -15.10
C LEU A 487 -9.94 8.94 -15.18
N MET A 488 -9.23 8.79 -14.04
CA MET A 488 -7.94 8.10 -14.04
C MET A 488 -8.11 6.63 -14.40
N VAL A 489 -9.17 6.00 -13.88
CA VAL A 489 -9.40 4.58 -14.15
C VAL A 489 -9.63 4.35 -15.64
N VAL A 490 -10.48 5.18 -16.26
CA VAL A 490 -10.72 4.95 -17.68
C VAL A 490 -9.45 5.16 -18.50
N ALA A 491 -8.57 6.10 -18.10
CA ALA A 491 -7.31 6.26 -18.83
C ALA A 491 -6.40 5.03 -18.65
N ASN A 492 -6.26 4.58 -17.40
CA ASN A 492 -5.46 3.39 -17.10
C ASN A 492 -5.94 2.20 -17.91
N GLU A 493 -7.25 1.96 -17.91
CA GLU A 493 -7.79 0.83 -18.66
C GLU A 493 -7.53 0.98 -20.14
N THR A 494 -7.75 2.19 -20.68
CA THR A 494 -7.56 2.42 -22.11
C THR A 494 -6.09 2.19 -22.51
N VAL A 495 -5.15 2.68 -21.70
CA VAL A 495 -3.73 2.51 -22.03
C VAL A 495 -3.37 1.04 -21.99
N ALA A 496 -3.89 0.30 -20.98
CA ALA A 496 -3.67 -1.14 -20.95
C ALA A 496 -4.17 -1.81 -22.23
N TRP A 497 -5.37 -1.46 -22.69
CA TRP A 497 -5.89 -2.07 -23.92
C TRP A 497 -5.10 -1.62 -25.16
N VAL A 498 -4.65 -0.36 -25.22
CA VAL A 498 -3.89 0.08 -26.40
C VAL A 498 -2.60 -0.73 -26.54
N LEU A 499 -1.85 -0.87 -25.44
CA LEU A 499 -0.62 -1.67 -25.47
C LEU A 499 -0.93 -3.13 -25.81
N THR A 500 -2.00 -3.71 -25.24
CA THR A 500 -2.36 -5.08 -25.58
C THR A 500 -2.77 -5.19 -27.05
N ASN A 501 -3.64 -4.29 -27.53
CA ASN A 501 -4.06 -4.31 -28.95
C ASN A 501 -2.86 -4.23 -29.87
N ASN A 502 -1.83 -3.47 -29.49
CA ASN A 502 -0.64 -3.38 -30.34
C ASN A 502 0.36 -4.54 -30.08
N LYS A 503 -0.01 -5.53 -29.26
CA LYS A 503 0.86 -6.66 -28.92
C LYS A 503 2.22 -6.21 -28.36
N ILE A 504 2.19 -5.27 -27.44
CA ILE A 504 3.39 -4.88 -26.69
C ILE A 504 3.28 -5.47 -25.29
N ALA A 505 4.29 -6.25 -24.87
CA ALA A 505 4.30 -6.75 -23.51
C ALA A 505 4.38 -5.59 -22.50
N LEU A 506 3.58 -5.69 -21.45
CA LEU A 506 3.53 -4.66 -20.42
C LEU A 506 3.25 -5.32 -19.09
N PRO A 507 3.59 -4.64 -17.98
CA PRO A 507 3.13 -5.09 -16.65
C PRO A 507 1.71 -4.62 -16.43
N TYR A 508 0.79 -5.58 -16.28
CA TYR A 508 -0.58 -5.31 -15.90
C TYR A 508 -0.72 -5.18 -14.38
N ARG A 509 -1.74 -4.44 -13.96
CA ARG A 509 -2.26 -4.53 -12.60
C ARG A 509 -3.39 -5.56 -12.65
N VAL A 510 -3.23 -6.66 -11.91
CA VAL A 510 -4.10 -7.83 -12.03
C VAL A 510 -4.69 -8.14 -10.67
N HIS A 511 -5.81 -8.86 -10.70
CA HIS A 511 -6.58 -9.21 -9.53
C HIS A 511 -7.54 -10.36 -9.89
N PRO A 512 -7.21 -11.57 -9.47
CA PRO A 512 -7.94 -12.77 -9.93
C PRO A 512 -9.29 -12.93 -9.26
N ARG A 513 -10.15 -13.71 -9.92
CA ARG A 513 -11.35 -14.23 -9.28
C ARG A 513 -10.95 -15.10 -8.10
N PRO A 514 -11.63 -15.00 -6.97
CA PRO A 514 -11.30 -15.86 -5.84
C PRO A 514 -11.87 -17.26 -6.01
N SER A 515 -11.31 -18.19 -5.25
CA SER A 515 -11.67 -19.60 -5.36
C SER A 515 -13.09 -19.86 -4.84
N LYS A 516 -13.71 -20.92 -5.36
CA LYS A 516 -14.98 -21.37 -4.81
C LYS A 516 -14.85 -21.62 -3.31
N LYS A 517 -13.74 -22.22 -2.88
CA LYS A 517 -13.55 -22.52 -1.46
C LYS A 517 -13.65 -21.26 -0.62
N LYS A 518 -12.88 -20.23 -0.97
CA LYS A 518 -12.85 -19.00 -0.18
C LYS A 518 -14.20 -18.29 -0.20
N LEU A 519 -14.93 -18.40 -1.31
CA LEU A 519 -16.28 -17.83 -1.38
C LEU A 519 -17.21 -18.54 -0.42
N GLN A 520 -17.20 -19.88 -0.43
CA GLN A 520 -18.05 -20.64 0.47
C GLN A 520 -17.80 -20.23 1.93
N SER A 521 -16.53 -20.09 2.32
CA SER A 521 -16.22 -19.67 3.69
C SER A 521 -16.83 -18.30 3.99
N LEU A 522 -16.69 -17.37 3.04
CA LEU A 522 -17.19 -16.01 3.25
C LEU A 522 -18.71 -16.00 3.38
N ILE A 523 -19.38 -16.73 2.50
CA ILE A 523 -20.84 -16.81 2.52
C ILE A 523 -21.35 -17.34 3.86
N GLU A 524 -20.68 -18.36 4.42
CA GLU A 524 -21.10 -18.88 5.72
C GLU A 524 -20.93 -17.85 6.82
N THR A 525 -19.76 -17.18 6.85
CA THR A 525 -19.50 -16.20 7.90
C THR A 525 -20.52 -15.05 7.85
N VAL A 526 -20.79 -14.53 6.65
CA VAL A 526 -21.67 -13.36 6.57
C VAL A 526 -23.14 -13.75 6.66
N GLY A 527 -23.48 -15.00 6.31
CA GLY A 527 -24.86 -15.45 6.51
C GLY A 527 -25.29 -15.38 7.97
N GLU A 528 -24.34 -15.55 8.90
CA GLU A 528 -24.67 -15.42 10.32
C GLU A 528 -24.99 -13.97 10.71
N LEU A 529 -24.71 -13.00 9.84
CA LEU A 529 -24.99 -11.59 10.07
C LEU A 529 -26.18 -11.10 9.25
N ASN A 530 -27.00 -12.03 8.74
CA ASN A 530 -28.17 -11.75 7.91
C ASN A 530 -27.79 -11.11 6.59
N ILE A 531 -26.54 -11.29 6.16
CA ILE A 531 -26.17 -10.97 4.79
C ILE A 531 -26.73 -12.04 3.88
N THR A 532 -27.38 -11.63 2.79
CA THR A 532 -28.07 -12.60 1.94
C THR A 532 -27.12 -13.67 1.44
N LYS A 533 -27.66 -14.87 1.25
CA LYS A 533 -26.96 -15.89 0.49
C LYS A 533 -27.04 -15.55 -0.98
N PRO A 534 -25.92 -15.51 -1.69
CA PRO A 534 -25.96 -15.11 -3.10
C PRO A 534 -26.44 -16.23 -4.00
N GLN A 535 -26.87 -15.85 -5.19
CA GLN A 535 -27.44 -16.81 -6.14
C GLN A 535 -26.47 -17.21 -7.24
N PHE A 536 -25.30 -16.60 -7.33
CA PHE A 536 -24.42 -16.86 -8.45
C PHE A 536 -23.68 -18.19 -8.31
N ASN A 537 -23.29 -18.73 -9.47
CA ASN A 537 -22.36 -19.86 -9.54
C ASN A 537 -21.01 -19.46 -8.97
N LEU A 538 -20.46 -20.28 -8.08
CA LEU A 538 -19.22 -19.91 -7.41
C LEU A 538 -17.99 -20.10 -8.27
N ASP A 539 -18.06 -20.96 -9.27
CA ASP A 539 -16.93 -21.13 -10.18
C ASP A 539 -16.82 -20.00 -11.19
N THR A 540 -17.95 -19.45 -11.66
CA THR A 540 -17.96 -18.48 -12.74
C THR A 540 -18.39 -17.07 -12.31
N VAL A 541 -18.50 -16.80 -11.01
CA VAL A 541 -19.06 -15.52 -10.55
C VAL A 541 -18.35 -14.34 -11.19
N THR A 542 -19.14 -13.40 -11.71
CA THR A 542 -18.60 -12.22 -12.39
C THR A 542 -18.54 -11.01 -11.45
N SER A 543 -17.79 -9.99 -11.88
CA SER A 543 -17.73 -8.72 -11.16
C SER A 543 -19.12 -8.15 -10.90
N SER A 544 -19.98 -8.16 -11.95
CA SER A 544 -21.35 -7.68 -11.83
C SER A 544 -22.12 -8.41 -10.73
N GLN A 545 -21.96 -9.72 -10.65
CA GLN A 545 -22.71 -10.49 -9.65
C GLN A 545 -22.23 -10.20 -8.23
N ILE A 546 -20.93 -9.99 -8.03
CA ILE A 546 -20.48 -9.56 -6.70
C ILE A 546 -21.07 -8.21 -6.36
N ALA A 547 -21.06 -7.28 -7.35
CA ALA A 547 -21.62 -5.95 -7.14
C ALA A 547 -23.09 -6.01 -6.77
N SER A 548 -23.88 -6.84 -7.46
CA SER A 548 -25.30 -6.95 -7.14
C SER A 548 -25.49 -7.50 -5.74
N TRP A 549 -24.63 -8.44 -5.34
CA TRP A 549 -24.69 -9.01 -4.00
C TRP A 549 -24.37 -7.97 -2.93
N LEU A 550 -23.27 -7.21 -3.11
CA LEU A 550 -23.02 -6.05 -2.24
C LEU A 550 -24.23 -5.11 -2.20
N ASN A 551 -24.74 -4.75 -3.38
CA ASN A 551 -25.82 -3.77 -3.42
C ASN A 551 -27.06 -4.25 -2.66
N GLU A 552 -27.36 -5.55 -2.69
CA GLU A 552 -28.57 -5.98 -2.00
C GLU A 552 -28.40 -6.08 -0.48
N ASN A 553 -27.26 -5.68 0.05
CA ASN A 553 -27.01 -5.69 1.48
C ASN A 553 -26.53 -4.34 2.01
N LYS A 554 -26.69 -3.26 1.22
CA LYS A 554 -26.10 -1.97 1.60
C LYS A 554 -26.61 -1.46 2.94
N ASP A 555 -27.86 -1.79 3.29
CA ASP A 555 -28.47 -1.33 4.52
C ASP A 555 -28.29 -2.28 5.68
N ASN A 556 -27.60 -3.40 5.49
CA ASN A 556 -27.35 -4.29 6.61
C ASN A 556 -26.41 -3.59 7.60
N PRO A 557 -26.71 -3.65 8.91
CA PRO A 557 -25.79 -3.08 9.89
C PRO A 557 -24.39 -3.64 9.82
N SER A 558 -24.21 -4.86 9.31
CA SER A 558 -22.89 -5.46 9.20
C SER A 558 -22.27 -5.27 7.82
N TYR A 559 -22.69 -4.26 7.07
CA TYR A 559 -22.11 -4.02 5.75
C TYR A 559 -20.61 -3.77 5.86
N GLU A 560 -20.17 -3.06 6.91
CA GLU A 560 -18.74 -2.77 7.02
C GLU A 560 -17.91 -4.04 7.10
N ILE A 561 -18.24 -4.96 8.02
CA ILE A 561 -17.40 -6.16 8.12
C ILE A 561 -17.59 -7.05 6.88
N PHE A 562 -18.77 -6.97 6.23
CA PHE A 562 -18.97 -7.68 4.97
C PHE A 562 -17.92 -7.26 3.93
N VAL A 563 -17.76 -5.96 3.72
CA VAL A 563 -16.74 -5.51 2.78
C VAL A 563 -15.34 -5.87 3.28
N ILE A 564 -15.07 -5.71 4.58
CA ILE A 564 -13.75 -6.10 5.10
C ILE A 564 -13.46 -7.55 4.75
N LEU A 565 -14.42 -8.43 5.02
CA LEU A 565 -14.21 -9.86 4.76
C LEU A 565 -14.17 -10.19 3.28
N LEU A 566 -15.01 -9.54 2.47
CA LEU A 566 -14.92 -9.67 1.02
C LEU A 566 -13.51 -9.29 0.51
N LEU A 567 -12.98 -8.17 0.97
CA LEU A 567 -11.61 -7.77 0.60
C LEU A 567 -10.59 -8.83 1.01
N ARG A 568 -10.75 -9.40 2.21
CA ARG A 568 -9.85 -10.48 2.62
C ARG A 568 -9.97 -11.66 1.67
N THR A 569 -11.20 -12.04 1.35
CA THR A 569 -11.42 -13.15 0.43
C THR A 569 -10.76 -12.88 -0.90
N LEU A 570 -10.87 -11.66 -1.40
CA LEU A 570 -10.36 -11.34 -2.73
C LEU A 570 -8.85 -11.27 -2.75
N GLY A 571 -8.24 -10.94 -1.62
CA GLY A 571 -6.81 -10.84 -1.55
C GLY A 571 -6.32 -9.62 -2.31
N LYS A 572 -5.01 -9.50 -2.36
CA LYS A 572 -4.32 -8.32 -2.85
C LYS A 572 -4.27 -8.31 -4.38
N ALA A 573 -4.37 -7.11 -4.96
CA ALA A 573 -3.99 -6.92 -6.36
C ALA A 573 -2.46 -6.88 -6.46
N PHE A 574 -1.93 -7.11 -7.66
CA PHE A 574 -0.48 -7.09 -7.88
C PHE A 574 -0.17 -6.89 -9.36
N TYR A 575 1.12 -6.88 -9.69
CA TYR A 575 1.55 -6.65 -11.06
C TYR A 575 2.01 -7.94 -11.71
N SER A 576 1.65 -8.09 -12.99
CA SER A 576 1.96 -9.29 -13.76
C SER A 576 2.09 -8.92 -15.23
N VAL A 577 3.10 -9.47 -15.91
CA VAL A 577 3.12 -9.35 -17.37
C VAL A 577 2.09 -10.31 -18.01
N ASN A 578 1.72 -11.41 -17.35
CA ASN A 578 0.72 -12.29 -17.93
C ASN A 578 -0.61 -11.57 -18.02
N PRO A 579 -1.33 -11.73 -19.08
CA PRO A 579 -2.58 -10.96 -19.31
C PRO A 579 -3.76 -11.43 -18.47
N LEU A 580 -3.69 -11.27 -17.16
CA LEU A 580 -4.77 -11.70 -16.28
C LEU A 580 -5.74 -10.56 -16.05
N MET A 581 -6.96 -10.91 -15.64
CA MET A 581 -8.00 -9.92 -15.45
C MET A 581 -7.75 -9.10 -14.17
N HIS A 582 -8.46 -7.97 -14.08
CA HIS A 582 -8.63 -7.26 -12.82
C HIS A 582 -10.10 -7.42 -12.42
N PHE A 583 -10.34 -8.36 -11.51
CA PHE A 583 -11.69 -8.77 -11.15
C PHE A 583 -12.46 -7.62 -10.49
N SER A 584 -11.82 -6.87 -9.60
CA SER A 584 -12.60 -5.87 -8.87
C SER A 584 -12.79 -4.59 -9.69
N ILE A 585 -11.84 -4.24 -10.56
CA ILE A 585 -12.10 -3.15 -11.50
C ILE A 585 -13.09 -3.55 -12.58
N GLY A 586 -13.10 -4.83 -12.94
CA GLY A 586 -14.03 -5.35 -13.91
C GLY A 586 -13.52 -5.35 -15.33
N SER A 587 -12.21 -5.40 -15.52
CA SER A 587 -11.68 -5.43 -16.87
C SER A 587 -10.79 -6.63 -17.06
N ASN A 588 -10.76 -7.14 -18.28
CA ASN A 588 -9.77 -8.15 -18.65
C ASN A 588 -8.35 -7.59 -18.70
N HIS A 589 -8.18 -6.28 -18.91
CA HIS A 589 -6.86 -5.66 -18.94
C HIS A 589 -6.89 -4.32 -18.21
N TYR A 590 -5.89 -4.12 -17.35
CA TYR A 590 -5.74 -2.90 -16.56
C TYR A 590 -4.26 -2.72 -16.26
N THR A 591 -3.81 -1.46 -16.16
CA THR A 591 -2.44 -1.16 -15.73
C THR A 591 -2.42 0.19 -15.05
N HIS A 592 -1.23 0.61 -14.61
CA HIS A 592 -1.05 1.86 -13.90
C HIS A 592 -0.25 2.78 -14.82
N PHE A 593 -0.91 3.84 -15.29
CA PHE A 593 -0.38 4.80 -16.26
C PHE A 593 -0.35 6.24 -15.76
N THR A 594 -1.29 6.64 -14.90
CA THR A 594 -1.53 8.03 -14.59
C THR A 594 -0.55 8.61 -13.56
N SER A 595 0.39 7.84 -12.99
CA SER A 595 1.15 8.36 -11.85
C SER A 595 2.63 7.99 -11.92
N PRO A 596 3.31 8.36 -13.01
CA PRO A 596 4.74 8.03 -13.16
C PRO A 596 5.65 8.90 -12.31
N ILE A 597 5.14 9.96 -11.69
CA ILE A 597 5.97 10.68 -10.74
C ILE A 597 6.17 9.85 -9.48
N ARG A 598 5.17 9.08 -9.08
CA ARG A 598 5.27 8.38 -7.81
C ARG A 598 5.32 6.88 -7.93
N ARG A 599 5.24 6.30 -9.13
CA ARG A 599 5.21 4.85 -9.25
C ARG A 599 6.10 4.42 -10.40
N TYR A 600 6.97 3.42 -10.15
CA TYR A 600 7.88 2.95 -11.18
C TYR A 600 7.18 2.20 -12.31
N ILE A 601 6.08 1.50 -12.01
CA ILE A 601 5.33 0.80 -13.07
C ILE A 601 4.81 1.80 -14.10
N ASP A 602 4.16 2.89 -13.64
CA ASP A 602 3.68 3.92 -14.55
C ASP A 602 4.83 4.48 -15.38
N LEU A 603 5.97 4.75 -14.74
CA LEU A 603 7.12 5.23 -15.50
C LEU A 603 7.51 4.22 -16.58
N THR A 604 7.49 2.93 -16.25
CA THR A 604 7.79 1.90 -17.25
C THR A 604 6.72 1.89 -18.35
N ILE A 605 5.45 2.02 -17.97
CA ILE A 605 4.38 2.07 -18.97
C ILE A 605 4.61 3.24 -19.92
N HIS A 606 5.02 4.40 -19.41
CA HIS A 606 5.31 5.53 -20.31
C HIS A 606 6.50 5.22 -21.21
N ARG A 607 7.55 4.56 -20.68
CA ARG A 607 8.66 4.23 -21.56
C ARG A 607 8.21 3.30 -22.69
N LEU A 608 7.36 2.32 -22.37
CA LEU A 608 6.87 1.43 -23.43
C LEU A 608 6.12 2.22 -24.49
N LEU A 609 5.31 3.19 -24.08
CA LEU A 609 4.61 4.01 -25.07
C LEU A 609 5.60 4.74 -25.98
N TRP A 610 6.62 5.35 -25.38
CA TRP A 610 7.62 6.10 -26.16
C TRP A 610 8.36 5.20 -27.14
N MET A 611 8.85 4.05 -26.66
CA MET A 611 9.76 3.21 -27.45
C MET A 611 9.03 2.44 -28.53
N HIS A 612 7.74 2.14 -28.35
CA HIS A 612 7.02 1.35 -29.34
C HIS A 612 6.03 2.16 -30.17
N LEU A 613 5.38 3.16 -29.59
CA LEU A 613 4.33 3.86 -30.32
C LEU A 613 4.66 5.31 -30.65
N PHE A 614 5.33 6.05 -29.77
CA PHE A 614 5.51 7.47 -30.02
C PHE A 614 6.69 7.74 -30.93
N THR A 615 7.90 7.33 -30.55
CA THR A 615 9.09 7.56 -31.38
C THR A 615 9.94 6.29 -31.45
N PRO A 616 9.40 5.22 -32.03
CA PRO A 616 10.20 3.98 -32.12
C PRO A 616 11.48 4.12 -32.94
N ASP A 617 11.52 5.04 -33.91
CA ASP A 617 12.73 5.23 -34.71
C ASP A 617 13.90 5.71 -33.88
N GLN A 618 13.63 6.33 -32.73
CA GLN A 618 14.68 6.86 -31.89
C GLN A 618 15.18 5.85 -30.86
N PHE A 619 14.74 4.59 -30.92
CA PHE A 619 15.20 3.55 -30.00
C PHE A 619 15.58 2.30 -30.79
N THR A 620 16.51 1.54 -30.21
CA THR A 620 17.01 0.35 -30.87
C THR A 620 16.13 -0.86 -30.54
N ASP A 621 16.20 -1.88 -31.40
CA ASP A 621 15.48 -3.12 -31.15
C ASP A 621 15.98 -3.80 -29.88
N ASN A 622 17.24 -3.57 -29.52
CA ASN A 622 17.78 -4.13 -28.29
C ASN A 622 17.17 -3.46 -27.07
N GLU A 623 17.17 -2.13 -27.07
CA GLU A 623 16.47 -1.40 -26.01
C GLU A 623 15.07 -1.96 -25.79
N ARG A 624 14.33 -2.20 -26.89
CA ARG A 624 12.96 -2.71 -26.73
C ARG A 624 12.96 -4.12 -26.17
N ASP A 625 13.83 -5.01 -26.69
CA ASP A 625 13.88 -6.37 -26.14
C ASP A 625 14.43 -6.39 -24.72
N GLN A 626 15.45 -5.56 -24.43
CA GLN A 626 15.98 -5.50 -23.06
C GLN A 626 14.87 -5.15 -22.07
N LEU A 627 14.11 -4.09 -22.35
CA LEU A 627 13.02 -3.73 -21.44
C LEU A 627 11.98 -4.83 -21.39
N LYS A 628 11.64 -5.43 -22.54
CA LYS A 628 10.69 -6.53 -22.55
C LYS A 628 11.16 -7.65 -21.63
N GLN A 629 12.44 -8.04 -21.77
CA GLN A 629 12.99 -9.12 -20.95
C GLN A 629 13.00 -8.76 -19.47
N GLU A 630 13.14 -7.48 -19.16
CA GLU A 630 13.21 -7.06 -17.76
C GLU A 630 11.83 -6.91 -17.10
N LEU A 631 10.72 -6.99 -17.85
CA LEU A 631 9.44 -6.57 -17.29
C LEU A 631 9.00 -7.45 -16.13
N GLU A 632 9.23 -8.76 -16.23
CA GLU A 632 8.83 -9.65 -15.16
C GLU A 632 9.59 -9.32 -13.87
N LYS A 633 10.88 -9.03 -13.99
CA LYS A 633 11.70 -8.72 -12.82
C LYS A 633 11.31 -7.38 -12.22
N ILE A 634 10.95 -6.41 -13.05
CA ILE A 634 10.43 -5.15 -12.54
C ILE A 634 9.16 -5.39 -11.74
N ALA A 635 8.22 -6.16 -12.30
CA ALA A 635 7.00 -6.49 -11.57
C ALA A 635 7.31 -7.18 -10.25
N ASP A 636 8.30 -8.09 -10.24
CA ASP A 636 8.65 -8.82 -9.03
C ASP A 636 9.14 -7.88 -7.94
N THR A 637 10.11 -7.03 -8.27
CA THR A 637 10.63 -6.06 -7.31
C THR A 637 9.54 -5.13 -6.80
N VAL A 638 8.67 -4.66 -7.70
CA VAL A 638 7.59 -3.78 -7.25
C VAL A 638 6.63 -4.55 -6.34
N ASN A 639 6.31 -5.80 -6.69
CA ASN A 639 5.39 -6.58 -5.86
C ASN A 639 5.99 -6.80 -4.46
N ASP A 640 7.26 -7.23 -4.42
CA ASP A 640 7.93 -7.46 -3.13
C ASP A 640 8.02 -6.17 -2.33
N THR A 641 8.32 -5.05 -2.99
CA THR A 641 8.43 -3.81 -2.22
C THR A 641 7.07 -3.29 -1.80
N GLU A 642 6.02 -3.54 -2.60
CA GLU A 642 4.69 -3.14 -2.18
C GLU A 642 4.28 -3.83 -0.87
N ILE A 643 4.64 -5.11 -0.69
CA ILE A 643 4.45 -5.81 0.60
C ILE A 643 5.12 -5.03 1.74
N LYS A 644 6.37 -4.60 1.51
CA LYS A 644 7.12 -3.89 2.55
C LYS A 644 6.49 -2.55 2.88
N ILE A 645 6.06 -1.80 1.86
CA ILE A 645 5.40 -0.51 2.05
C ILE A 645 4.12 -0.68 2.86
N ILE A 646 3.29 -1.65 2.49
CA ILE A 646 2.06 -1.92 3.24
C ILE A 646 2.39 -2.30 4.69
N ASN A 647 3.42 -3.10 4.88
CA ASN A 647 3.83 -3.44 6.24
C ASN A 647 4.34 -2.23 7.00
N CYS A 648 5.11 -1.37 6.33
CA CYS A 648 5.59 -0.14 6.96
C CYS A 648 4.43 0.78 7.37
N GLU A 649 3.41 0.93 6.50
CA GLU A 649 2.22 1.68 6.87
C GLU A 649 1.51 1.05 8.07
N ARG A 650 1.39 -0.28 8.08
CA ARG A 650 0.79 -0.97 9.23
C ARG A 650 1.59 -0.71 10.50
N ASN A 651 2.91 -0.84 10.41
CA ASN A 651 3.77 -0.60 11.59
C ASN A 651 3.59 0.84 12.11
N ALA A 652 3.60 1.81 11.21
CA ALA A 652 3.47 3.21 11.60
C ALA A 652 2.10 3.48 12.19
N ASN A 653 1.04 2.96 11.54
CA ASN A 653 -0.32 3.10 12.07
C ASN A 653 -0.43 2.52 13.49
N ASP A 654 0.09 1.30 13.69
CA ASP A 654 0.03 0.70 15.03
C ASP A 654 0.84 1.51 16.05
N TYR A 655 2.03 1.95 15.67
CA TYR A 655 2.86 2.74 16.57
C TYR A 655 2.14 4.03 17.00
N LEU A 656 1.62 4.79 16.04
CA LEU A 656 0.99 6.07 16.35
C LEU A 656 -0.31 5.90 17.10
N THR A 657 -1.12 4.90 16.71
CA THR A 657 -2.42 4.74 17.35
C THR A 657 -2.28 4.21 18.77
N THR A 658 -1.34 3.28 19.01
CA THR A 658 -1.18 2.82 20.38
C THR A 658 -0.57 3.91 21.25
N LEU A 659 0.23 4.79 20.67
CA LEU A 659 0.74 5.94 21.43
C LEU A 659 -0.40 6.88 21.82
N LEU A 660 -1.28 7.19 20.87
CA LEU A 660 -2.49 7.94 21.16
C LEU A 660 -3.34 7.26 22.23
N LEU A 661 -3.62 5.98 22.05
CA LEU A 661 -4.45 5.26 23.02
C LEU A 661 -3.80 5.07 24.38
N SER A 662 -2.46 5.12 24.47
CA SER A 662 -1.81 4.98 25.77
C SER A 662 -2.29 6.01 26.79
N LYS A 663 -2.93 7.08 26.35
CA LYS A 663 -3.45 8.11 27.25
C LYS A 663 -4.92 7.91 27.58
N GLN A 664 -5.51 6.80 27.15
CA GLN A 664 -6.95 6.55 27.34
C GLN A 664 -7.20 5.23 28.06
N ILE A 665 -6.24 4.77 28.89
CA ILE A 665 -6.44 3.54 29.65
C ILE A 665 -7.67 3.67 30.51
N GLY A 666 -8.47 2.60 30.56
CA GLY A 666 -9.66 2.57 31.36
C GLY A 666 -10.91 3.03 30.65
N LYS A 667 -10.77 3.57 29.46
CA LYS A 667 -11.92 4.06 28.71
C LYS A 667 -12.65 2.87 28.09
N THR A 668 -13.97 3.01 27.93
CA THR A 668 -14.80 1.97 27.36
C THR A 668 -15.05 2.25 25.88
N PHE A 669 -14.89 1.23 25.04
CA PHE A 669 -15.10 1.35 23.61
C PHE A 669 -16.09 0.31 23.11
N SER A 670 -17.03 0.73 22.26
CA SER A 670 -17.92 -0.19 21.56
C SER A 670 -17.31 -0.55 20.21
N GLY A 671 -17.71 -1.70 19.68
CA GLY A 671 -17.10 -2.14 18.45
C GLY A 671 -17.68 -3.46 18.00
N PHE A 672 -17.08 -4.02 16.96
CA PHE A 672 -17.46 -5.30 16.41
C PHE A 672 -16.21 -6.15 16.24
N ILE A 673 -16.43 -7.45 16.25
CA ILE A 673 -15.38 -8.44 16.03
C ILE A 673 -14.99 -8.42 14.55
N SER A 674 -13.74 -8.06 14.28
CA SER A 674 -13.18 -8.11 12.94
C SER A 674 -12.38 -9.38 12.65
N ALA A 675 -11.95 -10.13 13.65
CA ALA A 675 -11.17 -11.35 13.43
C ALA A 675 -11.17 -12.16 14.71
N ILE A 676 -11.05 -13.48 14.57
CA ILE A 676 -10.93 -14.39 15.70
C ILE A 676 -9.77 -15.35 15.44
N THR A 677 -8.87 -15.47 16.43
CA THR A 677 -7.68 -16.32 16.33
C THR A 677 -7.60 -17.22 17.53
N SER A 678 -6.62 -18.13 17.51
CA SER A 678 -6.46 -19.03 18.65
C SER A 678 -6.07 -18.27 19.92
N PHE A 679 -5.59 -17.04 19.83
CA PHE A 679 -5.21 -16.33 21.03
C PHE A 679 -6.22 -15.27 21.48
N GLY A 680 -7.29 -15.03 20.74
CA GLY A 680 -8.37 -14.19 21.25
C GLY A 680 -9.18 -13.54 20.14
N ILE A 681 -9.84 -12.43 20.52
CA ILE A 681 -10.80 -11.71 19.69
C ILE A 681 -10.19 -10.38 19.32
N PHE A 682 -10.20 -10.04 18.05
CA PHE A 682 -9.89 -8.68 17.62
C PHE A 682 -11.19 -7.90 17.47
N MET A 683 -11.34 -6.86 18.26
CA MET A 683 -12.51 -6.00 18.24
C MET A 683 -12.13 -4.67 17.60
N ARG A 684 -12.81 -4.31 16.52
CA ARG A 684 -12.56 -3.03 15.88
C ARG A 684 -13.37 -1.95 16.59
N MET A 685 -12.68 -0.95 17.15
CA MET A 685 -13.35 0.06 17.95
C MET A 685 -14.03 1.09 17.07
N ASP A 686 -15.30 1.37 17.38
CA ASP A 686 -16.09 2.30 16.55
C ASP A 686 -15.42 3.68 16.45
N GLU A 687 -14.83 4.16 17.55
CA GLU A 687 -14.42 5.54 17.64
C GLU A 687 -13.11 5.82 16.88
N ASN A 688 -12.32 4.81 16.58
CA ASN A 688 -11.01 5.02 16.00
C ASN A 688 -10.69 4.04 14.88
N ASN A 689 -11.58 3.09 14.60
CA ASN A 689 -11.42 2.07 13.56
C ASN A 689 -10.21 1.17 13.77
N PHE A 690 -9.68 1.05 14.98
CA PHE A 690 -8.46 0.30 15.23
C PHE A 690 -8.81 -1.03 15.92
N ASP A 691 -8.07 -2.10 15.60
CA ASP A 691 -8.34 -3.41 16.19
C ASP A 691 -7.62 -3.58 17.53
N GLY A 692 -8.39 -3.79 18.58
CA GLY A 692 -7.82 -4.23 19.85
C GLY A 692 -7.98 -5.72 20.08
N LEU A 693 -7.13 -6.28 20.95
CA LEU A 693 -7.06 -7.71 21.22
C LEU A 693 -7.69 -8.00 22.58
N ILE A 694 -8.74 -8.83 22.59
CA ILE A 694 -9.31 -9.40 23.81
C ILE A 694 -8.70 -10.80 23.96
N LYS A 695 -7.85 -11.00 24.99
CA LYS A 695 -7.14 -12.28 25.12
C LYS A 695 -8.07 -13.41 25.53
N ILE A 696 -7.88 -14.57 24.88
CA ILE A 696 -8.82 -15.68 25.04
C ILE A 696 -8.97 -16.08 26.50
N THR A 697 -7.85 -16.08 27.24
CA THR A 697 -7.87 -16.72 28.56
C THR A 697 -8.74 -15.98 29.57
N THR A 698 -8.92 -14.67 29.43
CA THR A 698 -9.67 -13.94 30.45
C THR A 698 -11.06 -13.47 30.00
N ILE A 699 -11.60 -14.05 28.92
CA ILE A 699 -13.01 -13.84 28.60
C ILE A 699 -13.87 -14.37 29.74
N PRO A 700 -14.87 -13.64 30.21
CA PRO A 700 -15.64 -14.07 31.38
C PRO A 700 -16.59 -15.23 31.06
N ASP A 701 -17.07 -15.86 32.14
CA ASP A 701 -18.29 -16.66 32.23
C ASP A 701 -18.12 -18.10 31.76
N ASP A 702 -17.03 -18.47 31.11
CA ASP A 702 -16.90 -19.81 30.55
C ASP A 702 -15.45 -19.99 30.16
N PHE A 703 -15.09 -21.23 29.86
CA PHE A 703 -13.82 -21.52 29.20
C PHE A 703 -14.10 -21.62 27.71
N PHE A 704 -13.37 -20.86 26.91
CA PHE A 704 -13.67 -20.71 25.50
C PHE A 704 -12.61 -21.42 24.66
N ILE A 705 -13.06 -22.08 23.60
CA ILE A 705 -12.19 -22.87 22.73
C ILE A 705 -12.26 -22.32 21.32
N PHE A 706 -11.10 -22.12 20.71
CA PHE A 706 -11.02 -21.73 19.31
C PHE A 706 -11.43 -22.90 18.41
N GLU A 707 -12.40 -22.65 17.53
CA GLU A 707 -12.82 -23.57 16.48
C GLU A 707 -12.40 -22.97 15.15
N LYS A 708 -11.45 -23.62 14.48
CA LYS A 708 -10.85 -23.02 13.30
C LYS A 708 -11.75 -23.04 12.08
N GLU A 709 -12.67 -24.02 12.00
CA GLU A 709 -13.54 -24.19 10.85
C GLU A 709 -14.36 -22.92 10.63
N LYS A 710 -15.29 -22.65 11.54
CA LYS A 710 -16.09 -21.44 11.46
C LYS A 710 -15.37 -20.22 12.03
N MET A 711 -14.20 -20.42 12.62
CA MET A 711 -13.40 -19.36 13.26
C MET A 711 -14.24 -18.58 14.27
N VAL A 712 -14.59 -19.31 15.32
CA VAL A 712 -15.37 -18.79 16.43
C VAL A 712 -14.71 -19.23 17.72
N LEU A 713 -15.10 -18.60 18.81
CA LEU A 713 -14.78 -19.11 20.14
C LEU A 713 -16.09 -19.60 20.76
N LYS A 714 -16.08 -20.82 21.30
CA LYS A 714 -17.27 -21.43 21.86
C LYS A 714 -17.02 -21.82 23.31
N GLY A 715 -17.95 -21.45 24.19
CA GLY A 715 -17.80 -21.75 25.60
C GLY A 715 -18.16 -23.19 25.91
N ARG A 716 -17.28 -23.89 26.63
CA ARG A 716 -17.47 -25.33 26.84
C ARG A 716 -18.70 -25.64 27.68
N LYS A 717 -18.98 -24.82 28.70
CA LYS A 717 -20.10 -25.10 29.58
C LYS A 717 -21.43 -24.52 29.05
N THR A 718 -21.40 -23.30 28.52
CA THR A 718 -22.60 -22.56 28.15
C THR A 718 -22.91 -22.52 26.66
N ASN A 719 -21.99 -22.98 25.80
CA ASN A 719 -22.18 -22.93 24.36
C ASN A 719 -22.33 -21.49 23.83
N LYS A 720 -21.97 -20.49 24.64
CA LYS A 720 -21.89 -19.12 24.11
C LYS A 720 -20.88 -19.07 22.99
N VAL A 721 -21.19 -18.31 21.93
CA VAL A 721 -20.32 -18.25 20.75
C VAL A 721 -19.93 -16.79 20.49
N TYR A 722 -18.64 -16.56 20.25
CA TYR A 722 -18.16 -15.31 19.66
C TYR A 722 -17.82 -15.56 18.20
N LYS A 723 -18.34 -14.69 17.33
CA LYS A 723 -18.13 -14.84 15.91
C LYS A 723 -17.86 -13.48 15.29
N ILE A 724 -17.19 -13.52 14.14
CA ILE A 724 -16.90 -12.32 13.39
C ILE A 724 -18.19 -11.55 13.12
N GLY A 725 -18.17 -10.25 13.40
CA GLY A 725 -19.33 -9.41 13.24
C GLY A 725 -20.06 -9.07 14.53
N ASP A 726 -19.87 -9.85 15.60
CA ASP A 726 -20.61 -9.60 16.82
C ASP A 726 -20.31 -8.21 17.37
N ARG A 727 -21.32 -7.56 17.93
CA ARG A 727 -21.14 -6.26 18.59
C ARG A 727 -20.69 -6.48 20.02
N LEU A 728 -19.71 -5.68 20.48
CA LEU A 728 -19.15 -5.81 21.82
C LEU A 728 -18.92 -4.44 22.46
N GLU A 729 -18.71 -4.47 23.79
CA GLU A 729 -18.16 -3.36 24.54
C GLU A 729 -16.97 -3.82 25.37
N ALA A 730 -15.92 -3.01 25.38
CA ALA A 730 -14.73 -3.47 26.06
C ALA A 730 -13.95 -2.28 26.60
N LYS A 731 -13.20 -2.52 27.66
CA LYS A 731 -12.39 -1.51 28.31
C LYS A 731 -10.96 -1.64 27.78
N LEU A 732 -10.36 -0.51 27.43
CA LEU A 732 -8.93 -0.49 27.13
C LEU A 732 -8.14 -0.69 28.42
N SER A 733 -7.52 -1.85 28.56
CA SER A 733 -6.87 -2.16 29.84
C SER A 733 -5.37 -1.91 29.81
N GLU A 734 -4.71 -2.07 28.67
CA GLU A 734 -3.30 -1.74 28.63
C GLU A 734 -2.88 -1.62 27.18
N ILE A 735 -1.77 -0.93 26.97
CA ILE A 735 -1.07 -0.94 25.69
C ILE A 735 0.12 -1.87 25.84
N ASP A 736 0.23 -2.80 24.89
CA ASP A 736 1.41 -3.65 24.77
C ASP A 736 2.40 -2.91 23.88
N PHE A 737 3.40 -2.28 24.48
CA PHE A 737 4.37 -1.53 23.67
C PHE A 737 5.40 -2.41 22.98
N ILE A 738 5.50 -3.68 23.36
CA ILE A 738 6.39 -4.59 22.66
C ILE A 738 5.81 -4.95 21.29
N GLN A 739 4.56 -5.40 21.27
CA GLN A 739 3.94 -5.73 20.00
C GLN A 739 3.16 -4.59 19.36
N LYS A 740 3.04 -3.46 20.04
CA LYS A 740 2.24 -2.33 19.56
C LYS A 740 0.79 -2.76 19.32
N ARG A 741 0.15 -3.20 20.41
CA ARG A 741 -1.23 -3.66 20.42
C ARG A 741 -1.98 -2.99 21.54
N ALA A 742 -3.27 -2.79 21.32
CA ALA A 742 -4.19 -2.32 22.35
C ALA A 742 -4.91 -3.52 22.91
N ILE A 743 -4.81 -3.73 24.22
CA ILE A 743 -5.45 -4.87 24.85
C ILE A 743 -6.74 -4.42 25.49
N LEU A 744 -7.82 -5.12 25.18
CA LEU A 744 -9.15 -4.82 25.71
C LEU A 744 -9.63 -5.95 26.62
N THR A 745 -10.46 -5.60 27.58
CA THR A 745 -11.15 -6.58 28.40
C THR A 745 -12.65 -6.35 28.33
N LEU A 746 -13.39 -7.42 28.09
CA LEU A 746 -14.84 -7.32 27.96
C LEU A 746 -15.45 -6.68 29.20
N ILE A 747 -16.36 -5.73 28.99
CA ILE A 747 -17.10 -5.13 30.10
C ILE A 747 -18.56 -5.31 29.85
#